data_2ISM
#
_entry.id   2ISM
#
_cell.length_a   36.898
_cell.length_b   132.964
_cell.length_c   60.780
_cell.angle_alpha   90.00
_cell.angle_beta   97.18
_cell.angle_gamma   90.00
#
_symmetry.space_group_name_H-M   'P 1 21 1'
#
loop_
_entity.id
_entity.type
_entity.pdbx_description
1 polymer 'Putative oxidoreductase'
2 non-polymer 'CALCIUM ION'
3 non-polymer 'CHLORIDE ION'
4 water water
#
_entity_poly.entity_id   1
_entity_poly.type   'polypeptide(L)'
_entity_poly.pdbx_seq_one_letter_code
;MDRRRFLVGLLGLGLARGQGLRVEEVVGGLEVPWALAFLPDGGMLIAERPGRIRLFREGRLSTYAELSVYHRGESGLLGL
ALHPRFPQEPYVYAYRTVAEGGLRNQVVRLRHLGERGVLDRVVLDGIPARPHGLHSGGRIAFGPDGMLYVTTGEVYEREL
AQDLASLGGKILRLTPEGEPAPGNPFLGRRGARPEVYSLGHRNPQGLAWHPKTGELFSSEHGPSGEQGYGHDEVNLIVPG
GNYGWPRVVGRGNDPRYRDPLYFWPQGFPPGNLAFFRGDLYVAGLRGQALLRLVLEGERGRWRVLRVETALSGFGRLREV
QVGPDGALYVTTSNRDGRGQVRPGDDRVLRLL
;
_entity_poly.pdbx_strand_id   A,B
#
# COMPACT_ATOMS: atom_id res chain seq x y z
N GLY A 20 -1.09 0.44 -11.24
CA GLY A 20 -2.39 -0.26 -11.43
C GLY A 20 -2.48 -1.53 -10.60
N LEU A 21 -3.69 -1.85 -10.16
CA LEU A 21 -3.93 -3.04 -9.36
C LEU A 21 -4.07 -4.27 -10.25
N ARG A 22 -3.82 -5.43 -9.67
CA ARG A 22 -3.93 -6.70 -10.38
C ARG A 22 -4.90 -7.58 -9.61
N VAL A 23 -5.86 -8.17 -10.32
CA VAL A 23 -6.88 -8.98 -9.68
C VAL A 23 -6.73 -10.48 -9.89
N GLU A 24 -7.30 -11.23 -8.95
CA GLU A 24 -7.32 -12.69 -9.01
C GLU A 24 -8.57 -13.13 -8.25
N GLU A 25 -9.25 -14.15 -8.76
CA GLU A 25 -10.46 -14.63 -8.12
C GLU A 25 -10.13 -15.55 -6.95
N VAL A 26 -10.84 -15.36 -5.84
CA VAL A 26 -10.63 -16.17 -4.65
C VAL A 26 -11.60 -17.34 -4.66
N VAL A 27 -12.88 -17.03 -4.88
CA VAL A 27 -13.91 -18.05 -4.93
C VAL A 27 -15.12 -17.48 -5.65
N GLY A 28 -15.91 -18.33 -6.26
CA GLY A 28 -17.10 -17.88 -6.98
C GLY A 28 -18.30 -18.74 -6.65
N GLY A 29 -19.35 -18.61 -7.45
CA GLY A 29 -20.56 -19.37 -7.23
C GLY A 29 -21.38 -18.88 -6.05
N LEU A 30 -21.08 -17.67 -5.58
CA LEU A 30 -21.79 -17.10 -4.43
C LEU A 30 -23.04 -16.33 -4.85
N GLU A 31 -23.94 -16.12 -3.92
CA GLU A 31 -25.17 -15.39 -4.21
C GLU A 31 -25.21 -14.10 -3.41
N VAL A 32 -24.85 -13.00 -4.07
CA VAL A 32 -24.82 -11.69 -3.45
C VAL A 32 -24.00 -11.63 -2.16
N PRO A 33 -22.68 -11.85 -2.26
CA PRO A 33 -21.81 -11.80 -1.07
C PRO A 33 -21.79 -10.34 -0.60
N TRP A 34 -22.54 -10.07 0.45
CA TRP A 34 -22.70 -8.72 0.97
C TRP A 34 -21.59 -8.18 1.84
N ALA A 35 -20.93 -9.06 2.58
CA ALA A 35 -19.86 -8.63 3.48
C ALA A 35 -18.87 -9.75 3.75
N LEU A 36 -17.65 -9.36 4.09
CA LEU A 36 -16.57 -10.29 4.40
C LEU A 36 -16.02 -10.06 5.79
N ALA A 37 -15.64 -11.14 6.47
CA ALA A 37 -15.05 -11.06 7.81
C ALA A 37 -13.83 -11.97 7.75
N PHE A 38 -12.67 -11.44 8.12
CA PHE A 38 -11.43 -12.21 8.09
C PHE A 38 -11.10 -12.82 9.45
N LEU A 39 -11.07 -14.15 9.51
CA LEU A 39 -10.78 -14.85 10.74
C LEU A 39 -9.28 -14.77 11.03
N PRO A 40 -8.91 -14.45 12.28
CA PRO A 40 -7.50 -14.34 12.66
C PRO A 40 -6.67 -15.59 12.36
N ASP A 41 -7.31 -16.75 12.37
CA ASP A 41 -6.63 -18.00 12.08
C ASP A 41 -6.30 -18.17 10.59
N GLY A 42 -7.02 -17.43 9.75
CA GLY A 42 -6.77 -17.52 8.32
C GLY A 42 -8.02 -17.63 7.48
N GLY A 43 -9.10 -18.14 8.07
CA GLY A 43 -10.34 -18.29 7.33
C GLY A 43 -10.98 -16.99 6.86
N MET A 44 -12.16 -17.11 6.27
CA MET A 44 -12.89 -15.97 5.76
C MET A 44 -14.38 -16.27 5.78
N LEU A 45 -15.17 -15.41 6.44
CA LEU A 45 -16.60 -15.60 6.50
C LEU A 45 -17.23 -14.72 5.43
N ILE A 46 -18.23 -15.25 4.73
CA ILE A 46 -18.89 -14.52 3.67
C ILE A 46 -20.40 -14.51 3.86
N ALA A 47 -20.98 -13.31 3.99
CA ALA A 47 -22.42 -13.21 4.16
C ALA A 47 -23.11 -13.15 2.80
N GLU A 48 -23.99 -14.12 2.54
CA GLU A 48 -24.74 -14.17 1.29
C GLU A 48 -26.12 -13.66 1.63
N ARG A 49 -26.58 -12.64 0.90
CA ARG A 49 -27.88 -12.03 1.20
C ARG A 49 -29.06 -13.00 1.41
N PRO A 50 -29.10 -14.12 0.66
CA PRO A 50 -30.21 -15.05 0.87
C PRO A 50 -30.31 -15.60 2.29
N GLY A 51 -29.28 -15.38 3.10
CA GLY A 51 -29.32 -15.87 4.48
C GLY A 51 -28.30 -16.91 4.89
N ARG A 52 -27.23 -17.05 4.12
CA ARG A 52 -26.20 -18.02 4.46
C ARG A 52 -24.87 -17.36 4.75
N ILE A 53 -24.22 -17.77 5.83
CA ILE A 53 -22.89 -17.26 6.14
C ILE A 53 -21.99 -18.41 5.71
N ARG A 54 -21.11 -18.15 4.77
CA ARG A 54 -20.20 -19.19 4.28
C ARG A 54 -18.83 -19.05 4.91
N LEU A 55 -18.11 -20.16 4.94
CA LEU A 55 -16.75 -20.19 5.46
C LEU A 55 -15.89 -20.66 4.32
N PHE A 56 -14.88 -19.86 3.96
CA PHE A 56 -13.97 -20.26 2.92
C PHE A 56 -12.63 -20.39 3.62
N ARG A 57 -12.18 -21.63 3.80
CA ARG A 57 -10.93 -21.89 4.48
C ARG A 57 -10.15 -22.97 3.74
N GLU A 58 -8.84 -22.79 3.67
CA GLU A 58 -7.95 -23.72 2.98
C GLU A 58 -8.53 -24.20 1.65
N GLY A 59 -8.97 -23.23 0.84
CA GLY A 59 -9.53 -23.51 -0.46
C GLY A 59 -10.89 -24.17 -0.54
N ARG A 60 -11.54 -24.39 0.59
CA ARG A 60 -12.86 -25.03 0.57
C ARG A 60 -14.00 -24.13 1.03
N LEU A 61 -15.13 -24.23 0.33
CA LEU A 61 -16.31 -23.43 0.64
C LEU A 61 -17.33 -24.28 1.38
N SER A 62 -17.83 -23.78 2.51
CA SER A 62 -18.82 -24.51 3.29
C SER A 62 -19.77 -23.53 3.99
N THR A 63 -20.87 -24.06 4.52
CA THR A 63 -21.83 -23.21 5.21
C THR A 63 -21.52 -23.15 6.70
N TYR A 64 -21.23 -21.94 7.17
CA TYR A 64 -20.91 -21.67 8.57
C TYR A 64 -22.19 -21.56 9.38
N ALA A 65 -23.21 -20.96 8.79
CA ALA A 65 -24.49 -20.79 9.44
C ALA A 65 -25.57 -20.43 8.43
N GLU A 66 -26.80 -20.82 8.73
CA GLU A 66 -27.91 -20.51 7.84
C GLU A 66 -28.93 -19.79 8.71
N LEU A 67 -29.22 -18.54 8.36
CA LEU A 67 -30.15 -17.75 9.14
C LEU A 67 -31.44 -17.48 8.38
N SER A 68 -32.53 -17.45 9.12
CA SER A 68 -33.84 -17.15 8.54
C SER A 68 -33.83 -15.65 8.29
N VAL A 69 -34.10 -15.25 7.05
CA VAL A 69 -34.13 -13.83 6.72
C VAL A 69 -35.24 -13.51 5.73
N TYR A 70 -35.59 -12.23 5.65
CA TYR A 70 -36.60 -11.76 4.73
C TYR A 70 -35.82 -11.26 3.52
N HIS A 71 -35.68 -12.10 2.51
CA HIS A 71 -34.92 -11.70 1.34
C HIS A 71 -35.75 -11.27 0.13
N ARG A 72 -36.20 -10.03 0.18
CA ARG A 72 -36.96 -9.42 -0.90
C ARG A 72 -36.37 -8.02 -1.07
N GLY A 73 -36.45 -7.48 -2.28
CA GLY A 73 -35.90 -6.17 -2.52
C GLY A 73 -34.41 -6.19 -2.24
N GLU A 74 -33.93 -5.29 -1.39
CA GLU A 74 -32.53 -5.20 -1.05
C GLU A 74 -32.25 -5.77 0.33
N SER A 75 -33.23 -6.45 0.90
CA SER A 75 -33.11 -7.01 2.25
C SER A 75 -32.68 -8.47 2.35
N GLY A 76 -32.42 -8.92 3.57
CA GLY A 76 -31.98 -10.29 3.80
C GLY A 76 -30.83 -10.25 4.79
N LEU A 77 -29.80 -11.06 4.54
CA LEU A 77 -28.62 -11.08 5.40
C LEU A 77 -27.54 -10.13 4.88
N LEU A 78 -27.39 -9.00 5.54
CA LEU A 78 -26.44 -7.99 5.08
C LEU A 78 -25.04 -7.56 5.47
N GLY A 79 -24.85 -7.21 6.74
CA GLY A 79 -23.56 -6.75 7.22
C GLY A 79 -23.06 -7.89 8.09
N LEU A 80 -21.74 -7.97 8.25
CA LEU A 80 -21.13 -9.03 9.05
C LEU A 80 -19.85 -8.48 9.70
N ALA A 81 -19.63 -8.79 10.96
CA ALA A 81 -18.44 -8.29 11.66
C ALA A 81 -18.10 -9.11 12.90
N LEU A 82 -16.83 -9.46 13.05
CA LEU A 82 -16.40 -10.23 14.20
C LEU A 82 -16.26 -9.33 15.42
N HIS A 83 -16.47 -9.91 16.60
CA HIS A 83 -16.33 -9.16 17.84
C HIS A 83 -14.89 -8.61 17.84
N PRO A 84 -14.68 -7.43 18.43
CA PRO A 84 -13.34 -6.83 18.48
C PRO A 84 -12.30 -7.76 19.11
N ARG A 85 -12.71 -8.59 20.05
CA ARG A 85 -11.78 -9.50 20.72
C ARG A 85 -11.98 -10.97 20.36
N PHE A 86 -12.42 -11.21 19.14
CA PHE A 86 -12.64 -12.56 18.61
C PHE A 86 -11.26 -13.22 18.53
N PRO A 87 -11.18 -14.54 18.81
CA PRO A 87 -12.24 -15.48 19.19
C PRO A 87 -12.41 -15.64 20.71
N GLN A 88 -11.54 -15.00 21.49
CA GLN A 88 -11.64 -15.08 22.94
C GLN A 88 -13.06 -14.70 23.34
N GLU A 89 -13.63 -13.74 22.61
CA GLU A 89 -15.02 -13.34 22.78
C GLU A 89 -15.49 -13.95 21.46
N PRO A 90 -15.93 -15.22 21.50
CA PRO A 90 -16.41 -15.98 20.35
C PRO A 90 -17.76 -15.43 19.94
N TYR A 91 -17.76 -14.44 19.05
CA TYR A 91 -19.01 -13.83 18.63
C TYR A 91 -18.87 -13.24 17.24
N VAL A 92 -19.91 -13.44 16.42
CA VAL A 92 -19.96 -12.90 15.07
C VAL A 92 -21.26 -12.10 14.99
N TYR A 93 -21.15 -10.84 14.60
CA TYR A 93 -22.32 -9.97 14.48
C TYR A 93 -22.83 -9.96 13.05
N ALA A 94 -24.15 -9.93 12.88
CA ALA A 94 -24.74 -9.92 11.55
C ALA A 94 -25.97 -9.04 11.55
N TYR A 95 -26.16 -8.32 10.45
CA TYR A 95 -27.31 -7.44 10.30
C TYR A 95 -28.26 -8.20 9.39
N ARG A 96 -29.53 -8.31 9.76
CA ARG A 96 -30.46 -9.04 8.91
C ARG A 96 -31.88 -8.54 9.02
N THR A 97 -32.63 -8.75 7.93
CA THR A 97 -34.04 -8.36 7.89
C THR A 97 -34.76 -9.67 8.24
N VAL A 98 -35.69 -9.61 9.19
CA VAL A 98 -36.44 -10.79 9.60
C VAL A 98 -37.94 -10.52 9.52
N ALA A 99 -38.72 -11.58 9.28
CA ALA A 99 -40.16 -11.46 9.19
C ALA A 99 -40.86 -12.12 10.38
N GLU A 100 -40.22 -13.17 10.92
CA GLU A 100 -40.78 -13.89 12.06
C GLU A 100 -40.89 -13.03 13.31
N GLY A 101 -42.12 -12.89 13.81
CA GLY A 101 -42.35 -12.08 14.99
C GLY A 101 -42.57 -10.63 14.65
N GLY A 102 -42.58 -10.33 13.34
CA GLY A 102 -42.77 -8.96 12.90
C GLY A 102 -41.65 -8.57 11.96
N LEU A 103 -41.99 -7.80 10.93
CA LEU A 103 -41.00 -7.40 9.94
C LEU A 103 -40.12 -6.22 10.38
N ARG A 104 -38.84 -6.47 10.56
CA ARG A 104 -37.90 -5.41 10.93
C ARG A 104 -36.46 -5.85 10.73
N ASN A 105 -35.55 -4.88 10.81
CA ASN A 105 -34.13 -5.16 10.67
C ASN A 105 -33.54 -5.26 12.07
N GLN A 106 -32.46 -6.01 12.21
CA GLN A 106 -31.85 -6.19 13.52
C GLN A 106 -30.40 -6.60 13.40
N VAL A 107 -29.65 -6.43 14.49
CA VAL A 107 -28.27 -6.87 14.55
C VAL A 107 -28.32 -8.05 15.51
N VAL A 108 -28.00 -9.23 15.00
CA VAL A 108 -28.01 -10.43 15.81
C VAL A 108 -26.58 -10.90 16.05
N ARG A 109 -26.36 -11.60 17.15
CA ARG A 109 -25.04 -12.11 17.46
C ARG A 109 -25.05 -13.63 17.45
N LEU A 110 -24.02 -14.23 16.86
CA LEU A 110 -23.92 -15.69 16.81
C LEU A 110 -22.71 -16.12 17.61
N ARG A 111 -22.79 -17.30 18.22
CA ARG A 111 -21.67 -17.82 18.99
C ARG A 111 -20.80 -18.62 18.02
N HIS A 112 -19.52 -18.27 17.95
CA HIS A 112 -18.57 -18.93 17.06
C HIS A 112 -18.16 -20.27 17.67
N LEU A 113 -18.31 -21.35 16.89
CA LEU A 113 -17.97 -22.67 17.39
C LEU A 113 -16.89 -23.38 16.57
N GLY A 114 -16.19 -22.62 15.73
CA GLY A 114 -15.14 -23.19 14.92
C GLY A 114 -15.43 -23.16 13.43
N GLU A 115 -16.20 -24.15 12.96
CA GLU A 115 -16.57 -24.23 11.54
C GLU A 115 -18.02 -23.81 11.45
N ARG A 116 -18.69 -23.71 12.60
CA ARG A 116 -20.09 -23.34 12.64
C ARG A 116 -20.33 -22.20 13.62
N GLY A 117 -21.43 -21.50 13.40
CA GLY A 117 -21.82 -20.40 14.26
C GLY A 117 -23.30 -20.57 14.54
N VAL A 118 -23.72 -20.40 15.78
CA VAL A 118 -25.12 -20.56 16.13
C VAL A 118 -25.67 -19.31 16.80
N LEU A 119 -26.98 -19.12 16.72
CA LEU A 119 -27.61 -17.94 17.31
C LEU A 119 -27.42 -17.74 18.80
N ASP A 120 -26.84 -16.59 19.16
CA ASP A 120 -26.63 -16.25 20.57
C ASP A 120 -27.72 -15.37 21.17
N ARG A 121 -27.96 -14.22 20.54
CA ARG A 121 -28.99 -13.29 21.01
C ARG A 121 -29.05 -12.09 20.08
N VAL A 122 -30.17 -11.37 20.12
CA VAL A 122 -30.34 -10.17 19.31
C VAL A 122 -29.66 -9.04 20.09
N VAL A 123 -28.82 -8.27 19.42
CA VAL A 123 -28.11 -7.17 20.06
C VAL A 123 -28.89 -5.86 19.95
N LEU A 124 -29.56 -5.66 18.82
CA LEU A 124 -30.36 -4.46 18.59
C LEU A 124 -31.49 -4.85 17.65
N ASP A 125 -32.72 -4.70 18.11
CA ASP A 125 -33.89 -5.07 17.32
C ASP A 125 -34.69 -3.82 16.98
N GLY A 126 -35.72 -3.99 16.16
CA GLY A 126 -36.59 -2.88 15.83
C GLY A 126 -36.16 -1.83 14.83
N ILE A 127 -35.17 -2.14 13.99
CA ILE A 127 -34.76 -1.19 12.98
C ILE A 127 -35.83 -1.28 11.89
N PRO A 128 -36.25 -0.13 11.33
CA PRO A 128 -37.27 -0.16 10.29
C PRO A 128 -37.00 -1.06 9.08
N ALA A 129 -38.06 -1.73 8.64
CA ALA A 129 -38.04 -2.59 7.46
C ALA A 129 -39.48 -2.56 6.93
N ARG A 130 -39.63 -2.72 5.63
CA ARG A 130 -40.97 -2.70 5.03
C ARG A 130 -41.06 -3.86 4.05
N PRO A 131 -42.29 -4.29 3.73
CA PRO A 131 -42.50 -5.41 2.80
C PRO A 131 -41.76 -5.31 1.47
N HIS A 132 -41.59 -4.09 0.94
CA HIS A 132 -40.88 -3.95 -0.33
C HIS A 132 -39.40 -4.27 -0.18
N GLY A 133 -38.92 -4.30 1.06
CA GLY A 133 -37.53 -4.63 1.34
C GLY A 133 -36.46 -3.67 0.84
N LEU A 134 -36.85 -2.44 0.50
CA LEU A 134 -35.89 -1.46 0.01
C LEU A 134 -35.39 -0.54 1.12
N HIS A 135 -34.19 0.00 0.92
CA HIS A 135 -33.56 0.91 1.86
C HIS A 135 -33.49 0.37 3.28
N SER A 136 -32.81 -0.77 3.45
CA SER A 136 -32.65 -1.39 4.76
C SER A 136 -31.24 -1.14 5.33
N GLY A 137 -30.42 -0.38 4.62
CA GLY A 137 -29.06 -0.12 5.08
C GLY A 137 -28.35 -1.45 5.22
N GLY A 138 -27.78 -1.73 6.39
CA GLY A 138 -27.15 -3.02 6.60
C GLY A 138 -25.66 -3.17 6.86
N ARG A 139 -24.87 -2.13 6.66
CA ARG A 139 -23.43 -2.23 6.88
C ARG A 139 -23.07 -2.08 8.36
N ILE A 140 -22.31 -3.03 8.88
CA ILE A 140 -21.89 -2.95 10.28
C ILE A 140 -20.39 -3.19 10.37
N ALA A 141 -19.76 -2.56 11.36
CA ALA A 141 -18.33 -2.71 11.56
C ALA A 141 -17.92 -2.10 12.89
N PHE A 142 -16.87 -2.65 13.47
CA PHE A 142 -16.35 -2.13 14.72
C PHE A 142 -15.26 -1.12 14.39
N GLY A 143 -15.37 0.07 14.99
CA GLY A 143 -14.39 1.12 14.73
C GLY A 143 -13.14 1.04 15.58
N PRO A 144 -12.20 1.97 15.38
CA PRO A 144 -10.95 2.01 16.15
C PRO A 144 -11.19 2.21 17.64
N ASP A 145 -12.42 2.64 17.97
CA ASP A 145 -12.80 2.87 19.36
C ASP A 145 -13.40 1.62 19.97
N GLY A 146 -13.44 0.54 19.19
CA GLY A 146 -13.99 -0.70 19.67
C GLY A 146 -15.50 -0.75 19.73
N MET A 147 -16.17 0.27 19.20
CA MET A 147 -17.63 0.31 19.21
C MET A 147 -18.23 -0.19 17.89
N LEU A 148 -19.47 -0.65 17.96
CA LEU A 148 -20.19 -1.17 16.80
C LEU A 148 -20.94 -0.07 16.05
N TYR A 149 -20.63 0.10 14.77
CA TYR A 149 -21.31 1.11 13.96
C TYR A 149 -22.28 0.40 13.02
N VAL A 150 -23.48 0.93 12.90
CA VAL A 150 -24.53 0.33 12.08
C VAL A 150 -25.22 1.32 11.14
N THR A 151 -25.28 1.01 9.85
CA THR A 151 -25.97 1.92 8.93
C THR A 151 -27.38 1.38 8.71
N THR A 152 -28.35 2.29 8.65
CA THR A 152 -29.75 1.92 8.44
C THR A 152 -30.37 2.82 7.37
N GLY A 153 -31.32 2.29 6.61
CA GLY A 153 -31.99 3.08 5.59
C GLY A 153 -33.31 3.60 6.11
N GLU A 154 -33.92 4.52 5.38
CA GLU A 154 -35.21 5.07 5.80
C GLU A 154 -36.40 4.38 5.15
N VAL A 155 -36.16 3.14 4.72
CA VAL A 155 -37.17 2.29 4.09
C VAL A 155 -38.13 2.99 3.14
N TYR A 156 -37.61 3.95 2.39
CA TYR A 156 -38.39 4.72 1.42
C TYR A 156 -39.45 5.61 2.04
N GLU A 157 -39.24 5.96 3.31
CA GLU A 157 -40.10 6.87 4.04
C GLU A 157 -39.08 7.90 4.52
N ARG A 158 -38.66 8.73 3.55
CA ARG A 158 -37.63 9.75 3.74
C ARG A 158 -37.66 10.60 4.99
N GLU A 159 -38.84 10.97 5.47
CA GLU A 159 -38.93 11.80 6.66
C GLU A 159 -38.27 11.16 7.88
N LEU A 160 -38.22 9.84 7.90
CA LEU A 160 -37.62 9.13 9.02
C LEU A 160 -36.16 9.53 9.28
N ALA A 161 -35.43 9.83 8.20
CA ALA A 161 -34.03 10.20 8.31
C ALA A 161 -33.78 11.42 9.20
N GLN A 162 -34.73 12.35 9.20
CA GLN A 162 -34.60 13.56 10.01
C GLN A 162 -35.21 13.42 11.40
N ASP A 163 -35.90 12.31 11.62
CA ASP A 163 -36.57 12.04 12.89
C ASP A 163 -35.60 11.36 13.86
N LEU A 164 -35.21 12.07 14.92
CA LEU A 164 -34.30 11.50 15.91
C LEU A 164 -34.93 10.39 16.72
N ALA A 165 -36.24 10.23 16.61
CA ALA A 165 -36.96 9.19 17.31
C ALA A 165 -36.97 7.89 16.50
N SER A 166 -36.49 7.95 15.27
CA SER A 166 -36.46 6.78 14.39
C SER A 166 -35.07 6.23 14.20
N LEU A 167 -34.95 4.91 14.14
CA LEU A 167 -33.66 4.27 13.93
C LEU A 167 -33.33 4.21 12.44
N GLY A 168 -34.24 4.67 11.60
CA GLY A 168 -34.02 4.64 10.16
C GLY A 168 -33.34 5.87 9.57
N GLY A 169 -32.55 5.66 8.52
CA GLY A 169 -31.83 6.75 7.89
C GLY A 169 -30.77 7.29 8.82
N LYS A 170 -30.09 6.39 9.52
CA LYS A 170 -29.07 6.78 10.49
C LYS A 170 -27.82 5.91 10.43
N ILE A 171 -26.84 6.30 11.23
CA ILE A 171 -25.64 5.52 11.45
C ILE A 171 -25.72 5.45 12.97
N LEU A 172 -25.69 4.24 13.51
CA LEU A 172 -25.80 4.05 14.95
C LEU A 172 -24.47 3.61 15.52
N ARG A 173 -24.26 3.85 16.82
CA ARG A 173 -23.03 3.42 17.45
C ARG A 173 -23.39 2.82 18.81
N LEU A 174 -22.99 1.57 19.02
CA LEU A 174 -23.30 0.84 20.23
C LEU A 174 -22.05 0.18 20.80
N THR A 175 -22.16 -0.33 22.02
CA THR A 175 -21.04 -1.05 22.61
C THR A 175 -21.26 -2.45 22.04
N PRO A 176 -20.25 -3.33 22.16
CA PRO A 176 -20.42 -4.69 21.63
C PRO A 176 -21.61 -5.43 22.27
N GLU A 177 -22.10 -4.93 23.39
CA GLU A 177 -23.23 -5.56 24.06
C GLU A 177 -24.58 -4.96 23.66
N GLY A 178 -24.53 -3.95 22.80
CA GLY A 178 -25.77 -3.34 22.33
C GLY A 178 -26.24 -2.10 23.06
N GLU A 179 -25.50 -1.62 24.05
CA GLU A 179 -25.94 -0.42 24.74
C GLU A 179 -25.50 0.79 23.93
N PRO A 180 -26.25 1.90 24.03
CA PRO A 180 -25.86 3.10 23.28
C PRO A 180 -24.44 3.40 23.71
N ALA A 181 -23.56 3.62 22.74
CA ALA A 181 -22.16 3.89 23.05
C ALA A 181 -21.94 5.12 23.92
N PRO A 182 -21.10 5.00 24.97
CA PRO A 182 -20.84 6.15 25.83
C PRO A 182 -20.30 7.31 25.01
N GLY A 183 -20.76 8.52 25.31
CA GLY A 183 -20.30 9.68 24.56
C GLY A 183 -21.08 9.92 23.28
N ASN A 184 -22.12 9.14 23.01
CA ASN A 184 -22.93 9.34 21.81
C ASN A 184 -23.49 10.77 21.85
N PRO A 185 -23.71 11.38 20.68
CA PRO A 185 -24.21 12.75 20.55
C PRO A 185 -25.59 13.12 21.12
N PHE A 186 -26.53 12.19 21.12
CA PHE A 186 -27.87 12.50 21.60
C PHE A 186 -28.28 11.75 22.86
N LEU A 187 -27.31 11.47 23.73
CA LEU A 187 -27.59 10.75 24.96
C LEU A 187 -28.51 11.54 25.90
N GLY A 188 -28.27 12.85 25.99
CA GLY A 188 -29.10 13.68 26.84
C GLY A 188 -30.05 14.54 26.02
N ARG A 189 -30.82 13.88 25.15
CA ARG A 189 -31.75 14.57 24.27
C ARG A 189 -33.12 13.89 24.28
N ARG A 190 -34.12 14.60 24.82
CA ARG A 190 -35.48 14.09 24.88
C ARG A 190 -36.00 13.82 23.48
N GLY A 191 -36.71 12.70 23.31
CA GLY A 191 -37.26 12.36 22.01
C GLY A 191 -36.23 11.94 20.97
N ALA A 192 -35.12 11.37 21.42
CA ALA A 192 -34.08 10.92 20.51
C ALA A 192 -33.56 9.54 20.90
N ARG A 193 -33.42 8.65 19.93
CA ARG A 193 -32.89 7.32 20.23
C ARG A 193 -31.41 7.52 20.58
N PRO A 194 -31.00 7.08 21.78
CA PRO A 194 -29.61 7.24 22.21
C PRO A 194 -28.58 6.54 21.34
N GLU A 195 -29.03 5.59 20.54
CA GLU A 195 -28.12 4.83 19.66
C GLU A 195 -27.65 5.66 18.46
N VAL A 196 -28.38 6.73 18.14
CA VAL A 196 -28.03 7.54 16.98
C VAL A 196 -26.68 8.25 17.05
N TYR A 197 -25.88 8.08 16.01
CA TYR A 197 -24.56 8.71 15.92
C TYR A 197 -24.64 9.85 14.91
N SER A 198 -25.30 9.60 13.79
CA SER A 198 -25.48 10.61 12.74
C SER A 198 -26.83 10.36 12.08
N LEU A 199 -27.41 11.38 11.49
CA LEU A 199 -28.72 11.26 10.85
C LEU A 199 -28.76 11.93 9.48
N GLY A 200 -29.93 11.93 8.86
CA GLY A 200 -30.08 12.54 7.55
C GLY A 200 -29.45 11.70 6.45
N HIS A 201 -29.57 10.39 6.57
CA HIS A 201 -29.05 9.47 5.55
C HIS A 201 -30.28 9.05 4.75
N ARG A 202 -30.07 8.76 3.47
CA ARG A 202 -31.04 8.06 2.64
C ARG A 202 -30.96 6.54 2.54
N ASN A 203 -29.80 6.04 2.10
CA ASN A 203 -29.49 4.62 2.21
C ASN A 203 -27.97 4.68 2.29
N PRO A 204 -27.41 4.10 3.34
CA PRO A 204 -25.97 4.23 3.65
C PRO A 204 -25.54 2.79 3.92
N GLN A 205 -24.64 2.29 3.09
CA GLN A 205 -24.16 0.91 3.23
C GLN A 205 -22.67 1.00 2.96
N GLY A 206 -21.95 1.75 3.80
CA GLY A 206 -20.52 1.89 3.64
C GLY A 206 -19.95 2.50 4.91
N LEU A 207 -18.88 1.89 5.42
CA LEU A 207 -18.21 2.36 6.63
C LEU A 207 -16.70 2.10 6.50
N ALA A 208 -15.90 3.14 6.68
CA ALA A 208 -14.45 3.00 6.59
C ALA A 208 -13.77 4.10 7.39
N TRP A 209 -12.72 3.74 8.13
CA TRP A 209 -11.99 4.70 8.94
C TRP A 209 -10.63 5.04 8.34
N HIS A 210 -10.32 6.32 8.31
CA HIS A 210 -9.04 6.80 7.78
C HIS A 210 -7.94 6.25 8.70
N PRO A 211 -6.98 5.50 8.14
CA PRO A 211 -5.87 4.90 8.87
C PRO A 211 -5.04 5.85 9.72
N LYS A 212 -4.92 7.09 9.26
CA LYS A 212 -4.13 8.09 9.99
C LYS A 212 -4.89 8.94 11.00
N THR A 213 -6.09 9.38 10.64
CA THR A 213 -6.85 10.24 11.54
C THR A 213 -7.94 9.54 12.35
N GLY A 214 -8.33 8.34 11.96
CA GLY A 214 -9.36 7.63 12.69
C GLY A 214 -10.75 8.16 12.36
N GLU A 215 -10.83 9.09 11.40
CA GLU A 215 -12.10 9.66 11.00
C GLU A 215 -12.93 8.64 10.24
N LEU A 216 -14.24 8.66 10.45
CA LEU A 216 -15.14 7.73 9.79
C LEU A 216 -15.66 8.29 8.48
N PHE A 217 -15.62 7.46 7.44
CA PHE A 217 -16.11 7.84 6.12
C PHE A 217 -17.21 6.85 5.77
N SER A 218 -18.23 7.33 5.06
CA SER A 218 -19.35 6.47 4.69
C SER A 218 -19.83 6.76 3.27
N SER A 219 -20.46 5.76 2.67
CA SER A 219 -20.99 5.91 1.32
C SER A 219 -22.48 5.60 1.40
N GLU A 220 -23.26 6.21 0.52
CA GLU A 220 -24.70 5.95 0.50
C GLU A 220 -25.31 6.27 -0.85
N HIS A 221 -26.48 5.68 -1.11
CA HIS A 221 -27.21 5.86 -2.35
C HIS A 221 -28.24 6.98 -2.21
N GLY A 222 -28.38 7.80 -3.25
CA GLY A 222 -29.37 8.87 -3.23
C GLY A 222 -30.19 8.69 -4.48
N PRO A 223 -31.03 9.66 -4.91
CA PRO A 223 -31.78 9.39 -6.14
C PRO A 223 -30.66 9.02 -7.12
N GLY A 230 -29.47 10.79 -9.30
CA GLY A 230 -28.19 10.26 -8.90
C GLY A 230 -27.79 10.61 -7.48
N HIS A 231 -26.89 11.56 -7.35
CA HIS A 231 -26.59 12.17 -6.06
C HIS A 231 -26.04 11.23 -4.98
N ASP A 232 -25.70 10.00 -5.34
CA ASP A 232 -24.82 9.14 -4.56
C ASP A 232 -23.62 9.93 -4.04
N GLU A 233 -23.13 9.54 -2.87
CA GLU A 233 -22.02 10.25 -2.22
C GLU A 233 -21.19 9.51 -1.19
N VAL A 234 -20.11 10.17 -0.80
CA VAL A 234 -19.20 9.68 0.23
C VAL A 234 -19.22 10.79 1.26
N ASN A 235 -19.40 10.44 2.53
CA ASN A 235 -19.46 11.45 3.58
C ASN A 235 -18.41 11.25 4.66
N LEU A 236 -17.99 12.36 5.26
CA LEU A 236 -17.05 12.33 6.36
C LEU A 236 -18.01 12.44 7.55
N ILE A 237 -18.22 11.33 8.26
CA ILE A 237 -19.16 11.28 9.38
C ILE A 237 -18.60 11.82 10.70
N VAL A 238 -19.26 12.85 11.25
CA VAL A 238 -18.87 13.43 12.53
C VAL A 238 -19.98 13.16 13.54
N PRO A 239 -19.64 13.02 14.82
CA PRO A 239 -20.66 12.75 15.84
C PRO A 239 -21.77 13.78 15.81
N GLY A 240 -23.02 13.32 15.73
CA GLY A 240 -24.15 14.23 15.72
C GLY A 240 -24.44 14.89 14.38
N GLY A 241 -23.60 14.62 13.39
CA GLY A 241 -23.79 15.23 12.09
C GLY A 241 -25.09 14.87 11.40
N ASN A 242 -25.71 15.87 10.76
CA ASN A 242 -26.96 15.68 10.03
C ASN A 242 -26.57 15.80 8.56
N TYR A 243 -26.75 14.73 7.81
CA TYR A 243 -26.35 14.75 6.41
C TYR A 243 -27.40 15.17 5.38
N GLY A 244 -28.38 15.95 5.83
CA GLY A 244 -29.38 16.53 4.94
C GLY A 244 -30.56 15.83 4.31
N TRP A 245 -30.49 14.53 4.07
CA TRP A 245 -31.61 13.83 3.45
C TRP A 245 -32.86 13.91 4.34
N PRO A 246 -34.01 14.28 3.77
CA PRO A 246 -34.23 14.63 2.37
C PRO A 246 -34.42 16.15 2.15
N ARG A 247 -33.93 16.95 3.08
CA ARG A 247 -34.06 18.41 2.99
C ARG A 247 -33.15 19.00 1.93
N VAL A 248 -31.92 18.46 1.86
CA VAL A 248 -30.95 18.95 0.89
C VAL A 248 -30.11 17.82 0.29
N VAL A 249 -29.84 17.95 -1.00
CA VAL A 249 -29.02 16.97 -1.72
C VAL A 249 -27.94 17.78 -2.41
N GLY A 250 -26.71 17.29 -2.38
CA GLY A 250 -25.62 18.02 -3.00
C GLY A 250 -24.99 18.94 -1.98
N ARG A 251 -24.06 19.79 -2.43
CA ARG A 251 -23.37 20.71 -1.56
C ARG A 251 -24.12 22.02 -1.30
N GLY A 252 -23.73 22.68 -0.22
CA GLY A 252 -24.33 23.95 0.16
C GLY A 252 -23.53 24.43 1.36
N ASN A 253 -24.01 25.45 2.05
CA ASN A 253 -23.30 25.94 3.21
C ASN A 253 -24.26 26.32 4.34
N ASP A 254 -25.01 25.32 4.77
CA ASP A 254 -25.98 25.46 5.85
C ASP A 254 -25.36 24.71 7.04
N PRO A 255 -25.00 25.44 8.10
CA PRO A 255 -24.40 24.82 9.29
C PRO A 255 -25.18 23.64 9.88
N ARG A 256 -26.48 23.56 9.58
CA ARG A 256 -27.31 22.47 10.09
C ARG A 256 -26.99 21.15 9.40
N TYR A 257 -26.52 21.25 8.16
CA TYR A 257 -26.22 20.06 7.37
C TYR A 257 -24.76 19.94 6.95
N ARG A 258 -24.27 18.71 6.95
CA ARG A 258 -22.90 18.41 6.57
C ARG A 258 -22.85 18.12 5.08
N ASP A 259 -21.91 18.75 4.38
CA ASP A 259 -21.73 18.54 2.95
C ASP A 259 -20.97 17.25 2.68
N PRO A 260 -21.27 16.57 1.57
CA PRO A 260 -20.58 15.31 1.25
C PRO A 260 -19.14 15.55 0.82
N LEU A 261 -18.26 14.60 1.14
CA LEU A 261 -16.85 14.71 0.75
C LEU A 261 -16.79 14.67 -0.77
N TYR A 262 -17.53 13.73 -1.35
CA TYR A 262 -17.59 13.62 -2.81
C TYR A 262 -19.03 13.31 -3.22
N PHE A 263 -19.45 13.97 -4.30
CA PHE A 263 -20.80 13.84 -4.82
C PHE A 263 -20.74 13.45 -6.29
N TRP A 264 -21.57 12.48 -6.69
CA TRP A 264 -21.61 12.03 -8.08
C TRP A 264 -22.80 12.63 -8.82
N PRO A 265 -22.55 13.68 -9.62
CA PRO A 265 -23.57 14.38 -10.41
C PRO A 265 -24.41 13.47 -11.30
N GLN A 266 -23.73 12.60 -12.06
CA GLN A 266 -24.42 11.68 -12.96
C GLN A 266 -24.62 10.32 -12.30
N GLY A 267 -24.55 10.30 -10.98
CA GLY A 267 -24.73 9.06 -10.26
C GLY A 267 -24.40 7.63 -9.86
N PHE A 268 -23.15 7.43 -9.46
CA PHE A 268 -22.65 6.14 -9.03
C PHE A 268 -23.29 5.62 -7.75
N PRO A 269 -24.02 4.49 -7.84
CA PRO A 269 -24.68 3.91 -6.67
C PRO A 269 -23.52 3.13 -6.07
N PRO A 270 -23.07 3.51 -4.87
CA PRO A 270 -21.95 2.82 -4.25
C PRO A 270 -22.25 1.68 -3.29
N GLY A 271 -21.28 0.80 -3.15
CA GLY A 271 -21.38 -0.31 -2.23
C GLY A 271 -20.57 0.18 -1.05
N ASN A 272 -19.69 -0.64 -0.52
CA ASN A 272 -18.88 -0.23 0.62
C ASN A 272 -17.65 0.53 0.11
N LEU A 273 -16.85 1.04 1.04
CA LEU A 273 -15.63 1.76 0.70
C LEU A 273 -14.55 1.32 1.68
N ALA A 274 -13.29 1.52 1.31
CA ALA A 274 -12.19 1.12 2.17
C ALA A 274 -10.92 1.89 1.86
N PHE A 275 -10.11 2.13 2.87
CA PHE A 275 -8.84 2.81 2.68
C PHE A 275 -7.81 1.74 2.36
N PHE A 276 -7.10 1.95 1.25
CA PHE A 276 -6.11 0.98 0.79
C PHE A 276 -4.90 1.70 0.22
N ARG A 277 -3.72 1.28 0.67
CA ARG A 277 -2.47 1.86 0.21
C ARG A 277 -2.50 3.37 0.05
N GLY A 278 -3.02 4.06 1.07
CA GLY A 278 -3.06 5.51 1.03
C GLY A 278 -4.26 6.19 0.38
N ASP A 279 -5.08 5.45 -0.34
CA ASP A 279 -6.24 6.05 -1.01
C ASP A 279 -7.56 5.44 -0.54
N LEU A 280 -8.66 6.07 -0.94
CA LEU A 280 -10.00 5.59 -0.58
C LEU A 280 -10.63 4.97 -1.82
N TYR A 281 -11.00 3.70 -1.69
CA TYR A 281 -11.61 2.97 -2.80
C TYR A 281 -13.10 2.77 -2.56
N VAL A 282 -13.90 3.02 -3.61
CA VAL A 282 -15.35 2.88 -3.50
C VAL A 282 -15.89 1.89 -4.51
N ALA A 283 -16.60 0.87 -4.02
CA ALA A 283 -17.18 -0.12 -4.92
C ALA A 283 -18.38 0.51 -5.62
N GLY A 284 -18.54 0.20 -6.90
CA GLY A 284 -19.65 0.75 -7.64
C GLY A 284 -20.58 -0.36 -8.06
N LEU A 285 -21.86 -0.22 -7.73
CA LEU A 285 -22.86 -1.21 -8.11
C LEU A 285 -23.42 -1.09 -9.53
N ARG A 286 -24.02 0.04 -9.86
CA ARG A 286 -24.58 0.20 -11.19
C ARG A 286 -23.41 0.63 -12.07
N GLY A 287 -22.40 1.25 -11.46
CA GLY A 287 -21.24 1.69 -12.21
C GLY A 287 -20.31 0.58 -12.63
N GLN A 288 -20.49 -0.59 -12.01
CA GLN A 288 -19.68 -1.77 -12.31
C GLN A 288 -18.19 -1.48 -12.32
N ALA A 289 -17.69 -0.85 -11.27
CA ALA A 289 -16.28 -0.54 -11.22
C ALA A 289 -15.85 -0.15 -9.81
N LEU A 290 -14.55 -0.22 -9.58
CA LEU A 290 -13.98 0.15 -8.30
C LEU A 290 -13.28 1.47 -8.57
N LEU A 291 -13.69 2.52 -7.87
CA LEU A 291 -13.09 3.83 -8.06
C LEU A 291 -12.10 4.19 -6.97
N ARG A 292 -11.03 4.88 -7.36
CA ARG A 292 -10.02 5.31 -6.42
C ARG A 292 -10.16 6.82 -6.25
N LEU A 293 -10.36 7.26 -5.01
CA LEU A 293 -10.48 8.68 -4.71
C LEU A 293 -9.19 9.13 -4.08
N VAL A 294 -8.44 9.97 -4.79
CA VAL A 294 -7.19 10.49 -4.28
C VAL A 294 -7.52 11.70 -3.42
N LEU A 295 -7.18 11.61 -2.14
CA LEU A 295 -7.47 12.68 -1.19
C LEU A 295 -6.32 13.63 -0.94
N GLU A 296 -6.66 14.82 -0.47
CA GLU A 296 -5.69 15.84 -0.13
C GLU A 296 -6.30 16.68 0.98
N GLY A 297 -5.49 17.03 1.97
CA GLY A 297 -5.99 17.82 3.08
C GLY A 297 -5.50 17.29 4.41
N GLU A 298 -6.32 17.45 5.43
CA GLU A 298 -5.96 17.01 6.78
C GLU A 298 -7.21 16.75 7.61
N ARG A 299 -7.00 16.33 8.86
CA ARG A 299 -8.09 16.03 9.77
C ARG A 299 -9.11 17.18 9.82
N GLY A 300 -10.31 16.91 9.33
CA GLY A 300 -11.35 17.93 9.35
C GLY A 300 -11.57 18.66 8.04
N ARG A 301 -10.53 18.74 7.22
CA ARG A 301 -10.62 19.43 5.94
C ARG A 301 -10.07 18.56 4.81
N TRP A 302 -10.92 17.69 4.27
CA TRP A 302 -10.52 16.81 3.18
C TRP A 302 -11.22 17.15 1.89
N ARG A 303 -10.52 16.92 0.77
CA ARG A 303 -11.09 17.16 -0.55
C ARG A 303 -10.57 16.09 -1.49
N VAL A 304 -11.31 15.84 -2.56
CA VAL A 304 -10.91 14.83 -3.54
C VAL A 304 -10.09 15.47 -4.65
N LEU A 305 -8.81 15.08 -4.74
CA LEU A 305 -7.93 15.60 -5.78
C LEU A 305 -8.41 15.11 -7.14
N ARG A 306 -8.55 13.81 -7.27
CA ARG A 306 -8.98 13.21 -8.54
C ARG A 306 -9.62 11.85 -8.31
N VAL A 307 -10.43 11.43 -9.29
CA VAL A 307 -11.10 10.14 -9.24
C VAL A 307 -10.59 9.28 -10.38
N GLU A 308 -10.18 8.05 -10.07
CA GLU A 308 -9.68 7.14 -11.09
C GLU A 308 -10.37 5.79 -10.97
N THR A 309 -10.34 5.01 -12.03
CA THR A 309 -10.94 3.68 -12.04
C THR A 309 -9.82 2.69 -11.74
N ALA A 310 -10.00 1.86 -10.73
CA ALA A 310 -8.98 0.89 -10.35
C ALA A 310 -9.30 -0.53 -10.80
N LEU A 311 -10.57 -0.81 -11.07
CA LEU A 311 -10.98 -2.14 -11.51
C LEU A 311 -12.31 -2.09 -12.23
N SER A 312 -12.46 -2.93 -13.24
CA SER A 312 -13.71 -3.02 -13.99
C SER A 312 -13.75 -4.33 -14.74
N GLY A 313 -14.87 -4.62 -15.40
CA GLY A 313 -14.99 -5.86 -16.15
C GLY A 313 -15.53 -7.04 -15.38
N PHE A 314 -15.98 -6.81 -14.14
CA PHE A 314 -16.51 -7.88 -13.32
C PHE A 314 -17.96 -7.66 -12.94
N GLY A 315 -18.54 -6.59 -13.47
CA GLY A 315 -19.92 -6.28 -13.17
C GLY A 315 -20.06 -5.44 -11.92
N ARG A 316 -21.24 -5.54 -11.30
CA ARG A 316 -21.55 -4.81 -10.08
C ARG A 316 -20.62 -5.21 -8.93
N LEU A 317 -20.10 -4.22 -8.22
CA LEU A 317 -19.22 -4.47 -7.09
C LEU A 317 -19.74 -3.91 -5.76
N ARG A 318 -19.93 -4.77 -4.78
CA ARG A 318 -20.46 -4.35 -3.49
C ARG A 318 -19.70 -4.26 -2.16
N GLU A 319 -18.88 -5.25 -1.87
CA GLU A 319 -18.13 -5.26 -0.62
C GLU A 319 -16.69 -4.94 -1.06
N VAL A 320 -15.98 -4.25 -0.18
CA VAL A 320 -14.57 -3.92 -0.43
C VAL A 320 -13.93 -3.76 0.93
N GLN A 321 -12.95 -4.62 1.21
CA GLN A 321 -12.25 -4.60 2.49
C GLN A 321 -10.81 -5.02 2.34
N VAL A 322 -9.95 -4.46 3.19
CA VAL A 322 -8.53 -4.79 3.18
C VAL A 322 -8.34 -6.03 4.06
N GLY A 323 -7.65 -7.03 3.52
CA GLY A 323 -7.43 -8.24 4.28
C GLY A 323 -6.19 -8.16 5.16
N PRO A 324 -5.95 -9.18 6.02
CA PRO A 324 -4.80 -9.22 6.91
C PRO A 324 -3.49 -9.44 6.15
N ASP A 325 -3.63 -9.94 4.93
CA ASP A 325 -2.49 -10.22 4.07
C ASP A 325 -2.07 -8.97 3.28
N GLY A 326 -2.76 -7.86 3.53
CA GLY A 326 -2.43 -6.62 2.85
C GLY A 326 -3.16 -6.39 1.54
N ALA A 327 -3.78 -7.43 0.99
CA ALA A 327 -4.50 -7.29 -0.27
C ALA A 327 -5.88 -6.66 -0.07
N LEU A 328 -6.44 -6.11 -1.15
CA LEU A 328 -7.76 -5.49 -1.09
C LEU A 328 -8.76 -6.49 -1.66
N TYR A 329 -9.78 -6.83 -0.88
CA TYR A 329 -10.79 -7.78 -1.32
C TYR A 329 -12.06 -7.09 -1.79
N VAL A 330 -12.65 -7.61 -2.87
CA VAL A 330 -13.87 -7.04 -3.42
C VAL A 330 -14.84 -8.17 -3.78
N THR A 331 -16.13 -7.90 -3.70
CA THR A 331 -17.12 -8.91 -4.06
C THR A 331 -18.01 -8.37 -5.18
N THR A 332 -18.56 -9.26 -6.00
CA THR A 332 -19.45 -8.85 -7.08
C THR A 332 -20.89 -9.06 -6.63
N SER A 333 -21.79 -8.30 -7.22
CA SER A 333 -23.20 -8.37 -6.84
C SER A 333 -23.99 -8.36 -8.15
N ASN A 334 -23.76 -9.37 -8.98
CA ASN A 334 -24.44 -9.47 -10.27
C ASN A 334 -25.73 -10.28 -10.12
N ARG A 335 -25.85 -11.02 -9.02
CA ARG A 335 -27.04 -11.83 -8.79
C ARG A 335 -28.02 -11.17 -7.83
N ASP A 336 -27.87 -9.87 -7.60
CA ASP A 336 -28.78 -9.19 -6.67
C ASP A 336 -30.09 -8.73 -7.29
N GLY A 337 -30.33 -9.13 -8.53
CA GLY A 337 -31.56 -8.75 -9.21
C GLY A 337 -31.46 -7.53 -10.10
N ARG A 338 -30.32 -6.86 -10.09
CA ARG A 338 -30.14 -5.67 -10.89
C ARG A 338 -28.95 -5.75 -11.84
N GLY A 339 -28.38 -6.94 -11.99
CA GLY A 339 -27.24 -7.09 -12.86
C GLY A 339 -27.37 -8.21 -13.88
N GLN A 340 -26.29 -8.49 -14.59
CA GLN A 340 -26.26 -9.54 -15.59
C GLN A 340 -25.48 -10.69 -14.97
N VAL A 341 -26.14 -11.84 -14.84
CA VAL A 341 -25.50 -13.01 -14.25
C VAL A 341 -24.72 -13.80 -15.28
N ARG A 342 -23.52 -14.22 -14.90
CA ARG A 342 -22.66 -15.02 -15.76
C ARG A 342 -22.16 -16.23 -14.98
N PRO A 343 -21.86 -17.33 -15.69
CA PRO A 343 -21.37 -18.55 -15.04
C PRO A 343 -20.31 -18.27 -13.98
N GLY A 344 -20.53 -18.84 -12.80
CA GLY A 344 -19.60 -18.66 -11.70
C GLY A 344 -19.74 -17.30 -11.04
N ASP A 345 -20.73 -16.54 -11.47
CA ASP A 345 -20.80 -15.11 -11.15
C ASP A 345 -20.87 -14.90 -9.64
N ASP A 346 -20.81 -13.63 -9.23
CA ASP A 346 -20.69 -13.29 -7.82
C ASP A 346 -19.54 -13.85 -6.99
N ARG A 347 -18.31 -13.59 -7.42
CA ARG A 347 -17.12 -14.03 -6.69
C ARG A 347 -16.51 -13.08 -5.66
N VAL A 348 -15.44 -13.54 -5.02
CA VAL A 348 -14.70 -12.72 -4.10
C VAL A 348 -13.42 -12.54 -4.89
N LEU A 349 -12.99 -11.29 -5.04
CA LEU A 349 -11.77 -11.01 -5.78
C LEU A 349 -10.72 -10.45 -4.84
N ARG A 350 -9.46 -10.67 -5.19
CA ARG A 350 -8.33 -10.18 -4.40
C ARG A 350 -7.46 -9.31 -5.29
N LEU A 351 -7.20 -8.08 -4.85
CA LEU A 351 -6.38 -7.15 -5.62
C LEU A 351 -5.01 -6.93 -5.00
N LEU A 352 -3.98 -7.25 -5.80
CA LEU A 352 -2.58 -7.13 -5.43
C LEU A 352 -2.25 -7.33 -3.96
N GLY B 20 0.27 2.36 10.68
CA GLY B 20 1.38 1.55 11.28
C GLY B 20 1.71 0.30 10.49
N LEU B 21 2.99 0.12 10.17
CA LEU B 21 3.43 -1.03 9.41
C LEU B 21 3.86 -2.14 10.37
N ARG B 22 3.49 -3.37 10.08
CA ARG B 22 3.84 -4.51 10.92
C ARG B 22 5.00 -5.27 10.30
N VAL B 23 6.00 -5.58 11.13
CA VAL B 23 7.19 -6.29 10.66
C VAL B 23 7.20 -7.77 10.97
N GLU B 24 7.79 -8.53 10.05
CA GLU B 24 7.95 -9.97 10.23
C GLU B 24 9.25 -10.35 9.55
N GLU B 25 10.07 -11.11 10.27
CA GLU B 25 11.36 -11.54 9.76
C GLU B 25 11.21 -12.64 8.72
N VAL B 26 11.80 -12.42 7.55
CA VAL B 26 11.75 -13.40 6.48
C VAL B 26 12.92 -14.38 6.63
N VAL B 27 14.10 -13.84 6.90
CA VAL B 27 15.30 -14.67 7.06
C VAL B 27 16.40 -13.82 7.67
N GLY B 28 17.30 -14.45 8.43
CA GLY B 28 18.39 -13.71 9.05
C GLY B 28 19.74 -14.42 8.95
N GLY B 29 20.71 -13.92 9.70
CA GLY B 29 22.04 -14.51 9.68
C GLY B 29 22.86 -14.11 8.46
N LEU B 30 22.38 -13.12 7.71
CA LEU B 30 23.06 -12.65 6.50
C LEU B 30 24.15 -11.63 6.82
N GLU B 31 25.16 -11.55 5.95
CA GLU B 31 26.24 -10.59 6.15
C GLU B 31 26.11 -9.46 5.15
N VAL B 32 25.49 -8.38 5.60
CA VAL B 32 25.28 -7.19 4.77
C VAL B 32 24.48 -7.44 3.49
N PRO B 33 23.20 -7.80 3.63
CA PRO B 33 22.36 -8.05 2.44
C PRO B 33 22.16 -6.69 1.76
N TRP B 34 22.89 -6.49 0.69
CA TRP B 34 22.90 -5.23 -0.05
C TRP B 34 21.72 -4.98 -0.99
N ALA B 35 21.24 -6.04 -1.63
CA ALA B 35 20.15 -5.92 -2.58
C ALA B 35 19.31 -7.20 -2.64
N LEU B 36 18.05 -7.04 -3.05
CA LEU B 36 17.11 -8.14 -3.18
C LEU B 36 16.60 -8.23 -4.61
N ALA B 37 16.28 -9.44 -5.03
CA ALA B 37 15.72 -9.70 -6.36
C ALA B 37 14.64 -10.75 -6.15
N PHE B 38 13.44 -10.47 -6.68
CA PHE B 38 12.33 -11.39 -6.52
C PHE B 38 12.13 -12.23 -7.77
N LEU B 39 12.31 -13.55 -7.62
CA LEU B 39 12.15 -14.46 -8.74
C LEU B 39 10.68 -14.67 -9.03
N PRO B 40 10.31 -14.78 -10.32
CA PRO B 40 8.91 -14.99 -10.71
C PRO B 40 8.23 -16.18 -10.03
N ASP B 41 9.01 -17.22 -9.72
CA ASP B 41 8.46 -18.42 -9.08
C ASP B 41 8.32 -18.31 -7.57
N GLY B 42 8.59 -17.13 -7.02
CA GLY B 42 8.47 -16.95 -5.58
C GLY B 42 9.79 -16.85 -4.82
N GLY B 43 10.84 -17.45 -5.37
CA GLY B 43 12.13 -17.39 -4.70
C GLY B 43 12.63 -15.96 -4.52
N MET B 44 13.72 -15.81 -3.79
CA MET B 44 14.28 -14.48 -3.55
C MET B 44 15.81 -14.53 -3.54
N LEU B 45 16.44 -13.68 -4.35
CA LEU B 45 17.89 -13.63 -4.40
C LEU B 45 18.35 -12.52 -3.47
N ILE B 46 19.40 -12.80 -2.70
CA ILE B 46 19.93 -11.85 -1.74
C ILE B 46 21.42 -11.68 -1.97
N ALA B 47 21.87 -10.47 -2.26
CA ALA B 47 23.29 -10.22 -2.47
C ALA B 47 23.96 -9.85 -1.16
N GLU B 48 24.93 -10.65 -0.73
CA GLU B 48 25.67 -10.38 0.50
C GLU B 48 26.99 -9.74 0.07
N ARG B 49 27.32 -8.60 0.65
CA ARG B 49 28.53 -7.87 0.27
C ARG B 49 29.83 -8.67 0.19
N PRO B 50 30.00 -9.70 1.05
CA PRO B 50 31.23 -10.50 1.00
C PRO B 50 31.41 -11.29 -0.29
N GLY B 51 30.38 -11.26 -1.16
CA GLY B 51 30.50 -11.96 -2.43
C GLY B 51 29.60 -13.18 -2.68
N ARG B 52 28.57 -13.36 -1.86
CA ARG B 52 27.66 -14.48 -2.05
C ARG B 52 26.27 -14.00 -2.44
N ILE B 53 25.66 -14.66 -3.41
CA ILE B 53 24.29 -14.34 -3.80
C ILE B 53 23.51 -15.53 -3.23
N ARG B 54 22.65 -15.27 -2.26
CA ARG B 54 21.89 -16.33 -1.64
C ARG B 54 20.51 -16.47 -2.25
N LEU B 55 19.96 -17.67 -2.14
CA LEU B 55 18.62 -17.96 -2.65
C LEU B 55 17.80 -18.40 -1.45
N PHE B 56 16.70 -17.68 -1.20
CA PHE B 56 15.81 -18.05 -0.10
C PHE B 56 14.54 -18.53 -0.79
N ARG B 57 14.17 -19.78 -0.52
CA ARG B 57 12.99 -20.37 -1.13
C ARG B 57 12.43 -21.46 -0.23
N GLU B 58 11.13 -21.42 -0.01
CA GLU B 58 10.47 -22.41 0.83
C GLU B 58 11.17 -22.59 2.17
N GLY B 59 11.45 -21.47 2.83
CA GLY B 59 12.09 -21.49 4.13
C GLY B 59 13.53 -21.99 4.19
N ARG B 60 14.17 -22.13 3.03
CA ARG B 60 15.56 -22.60 3.02
C ARG B 60 16.52 -21.63 2.32
N LEU B 61 17.68 -21.44 2.93
CA LEU B 61 18.70 -20.56 2.39
C LEU B 61 19.78 -21.40 1.72
N SER B 62 20.10 -21.06 0.47
CA SER B 62 21.13 -21.77 -0.26
C SER B 62 22.01 -20.75 -0.98
N THR B 63 23.08 -21.23 -1.59
CA THR B 63 23.98 -20.34 -2.32
C THR B 63 23.67 -20.42 -3.81
N TYR B 64 23.20 -19.31 -4.36
CA TYR B 64 22.86 -19.23 -5.77
C TYR B 64 24.14 -19.12 -6.58
N ALA B 65 25.07 -18.32 -6.08
CA ALA B 65 26.35 -18.12 -6.74
C ALA B 65 27.36 -17.49 -5.80
N GLU B 66 28.63 -17.74 -6.07
CA GLU B 66 29.68 -17.14 -5.26
C GLU B 66 30.56 -16.39 -6.25
N LEU B 67 30.80 -15.12 -5.98
CA LEU B 67 31.62 -14.30 -6.86
C LEU B 67 32.82 -13.72 -6.11
N SER B 68 33.97 -13.69 -6.77
CA SER B 68 35.17 -13.14 -6.18
C SER B 68 34.97 -11.63 -6.15
N VAL B 69 35.15 -11.02 -5.00
CA VAL B 69 34.99 -9.58 -4.89
C VAL B 69 36.04 -9.01 -3.95
N TYR B 70 36.23 -7.71 -4.02
CA TYR B 70 37.17 -6.98 -3.19
C TYR B 70 36.33 -6.43 -2.04
N HIS B 71 36.30 -7.13 -0.92
CA HIS B 71 35.48 -6.65 0.18
C HIS B 71 36.23 -5.92 1.28
N ARG B 72 36.51 -4.65 1.01
CA ARG B 72 37.16 -3.76 1.95
C ARG B 72 36.35 -2.47 1.91
N GLY B 73 36.32 -1.75 3.02
CA GLY B 73 35.56 -0.51 3.07
C GLY B 73 34.09 -0.75 2.79
N GLU B 74 33.54 -0.02 1.83
CA GLU B 74 32.13 -0.14 1.47
C GLU B 74 31.95 -0.94 0.17
N SER B 75 33.03 -1.59 -0.27
CA SER B 75 33.01 -2.36 -1.52
C SER B 75 32.78 -3.86 -1.38
N GLY B 76 32.56 -4.52 -2.51
CA GLY B 76 32.34 -5.96 -2.55
C GLY B 76 31.22 -6.26 -3.54
N LEU B 77 30.29 -7.15 -3.16
CA LEU B 77 29.16 -7.46 -4.01
C LEU B 77 27.91 -6.65 -3.73
N LEU B 78 27.74 -5.54 -4.43
CA LEU B 78 26.59 -4.68 -4.17
C LEU B 78 25.15 -4.55 -4.66
N GLY B 79 24.98 -4.30 -5.96
CA GLY B 79 23.65 -4.13 -6.53
C GLY B 79 23.32 -5.44 -7.20
N LEU B 80 22.02 -5.70 -7.38
CA LEU B 80 21.56 -6.94 -8.00
C LEU B 80 20.24 -6.67 -8.73
N ALA B 81 20.08 -7.19 -9.94
CA ALA B 81 18.83 -6.98 -10.67
C ALA B 81 18.62 -8.04 -11.75
N LEU B 82 17.39 -8.53 -11.87
CA LEU B 82 17.07 -9.52 -12.88
C LEU B 82 16.83 -8.84 -14.22
N HIS B 83 17.14 -9.53 -15.31
CA HIS B 83 16.91 -9.00 -16.65
C HIS B 83 15.42 -8.71 -16.75
N PRO B 84 15.04 -7.61 -17.44
CA PRO B 84 13.62 -7.27 -17.57
C PRO B 84 12.74 -8.41 -18.11
N ARG B 85 13.31 -9.25 -18.97
CA ARG B 85 12.58 -10.36 -19.55
C ARG B 85 12.95 -11.72 -18.94
N PHE B 86 13.37 -11.70 -17.69
CA PHE B 86 13.75 -12.90 -16.95
C PHE B 86 12.48 -13.75 -16.77
N PRO B 87 12.57 -15.08 -16.93
CA PRO B 87 13.73 -15.89 -17.27
C PRO B 87 13.95 -16.19 -18.77
N GLN B 88 13.09 -15.66 -19.63
CA GLN B 88 13.25 -15.87 -21.08
C GLN B 88 14.68 -15.50 -21.43
N GLU B 89 15.14 -14.39 -20.84
CA GLU B 89 16.50 -13.93 -20.99
C GLU B 89 16.98 -14.28 -19.59
N PRO B 90 17.57 -15.48 -19.43
CA PRO B 90 18.08 -16.02 -18.16
C PRO B 90 19.32 -15.20 -17.83
N TYR B 91 19.14 -14.11 -17.09
CA TYR B 91 20.28 -13.27 -16.77
C TYR B 91 20.01 -12.53 -15.46
N VAL B 92 21.00 -12.56 -14.57
CA VAL B 92 20.94 -11.88 -13.30
C VAL B 92 22.10 -10.88 -13.33
N TYR B 93 21.81 -9.61 -13.11
CA TYR B 93 22.86 -8.60 -13.13
C TYR B 93 23.34 -8.30 -11.73
N ALA B 94 24.64 -8.02 -11.61
CA ALA B 94 25.22 -7.71 -10.31
C ALA B 94 26.33 -6.69 -10.47
N TYR B 95 26.45 -5.82 -9.48
CA TYR B 95 27.47 -4.77 -9.45
C TYR B 95 28.49 -5.25 -8.43
N ARG B 96 29.77 -5.33 -8.81
CA ARG B 96 30.78 -5.78 -7.85
C ARG B 96 32.13 -5.09 -7.99
N THR B 97 32.87 -5.06 -6.89
CA THR B 97 34.22 -4.48 -6.87
C THR B 97 35.11 -5.71 -7.03
N VAL B 98 35.98 -5.70 -8.04
CA VAL B 98 36.86 -6.85 -8.27
C VAL B 98 38.32 -6.41 -8.24
N ALA B 99 39.21 -7.32 -7.85
CA ALA B 99 40.64 -7.01 -7.76
C ALA B 99 41.48 -7.76 -8.81
N GLU B 100 40.98 -8.90 -9.28
CA GLU B 100 41.70 -9.70 -10.27
C GLU B 100 41.95 -8.98 -11.59
N GLY B 101 43.22 -8.73 -11.89
CA GLY B 101 43.58 -8.06 -13.13
C GLY B 101 43.57 -6.55 -12.99
N GLY B 102 43.24 -6.07 -11.80
CA GLY B 102 43.18 -4.64 -11.55
C GLY B 102 41.98 -4.34 -10.69
N LEU B 103 42.12 -3.40 -9.76
CA LEU B 103 41.02 -3.04 -8.88
C LEU B 103 40.05 -2.06 -9.53
N ARG B 104 38.79 -2.47 -9.67
CA ARG B 104 37.78 -1.60 -10.25
C ARG B 104 36.39 -2.17 -10.01
N ASN B 105 35.38 -1.34 -10.22
CA ASN B 105 33.99 -1.78 -10.07
C ASN B 105 33.49 -2.14 -11.46
N GLN B 106 32.51 -3.03 -11.52
CA GLN B 106 31.96 -3.47 -12.79
C GLN B 106 30.57 -4.04 -12.59
N VAL B 107 29.84 -4.12 -13.69
CA VAL B 107 28.52 -4.72 -13.68
C VAL B 107 28.71 -5.99 -14.47
N VAL B 108 28.35 -7.12 -13.88
CA VAL B 108 28.48 -8.39 -14.55
C VAL B 108 27.09 -8.99 -14.71
N ARG B 109 27.02 -10.07 -15.48
CA ARG B 109 25.77 -10.76 -15.73
C ARG B 109 26.01 -12.24 -15.53
N LEU B 110 25.10 -12.91 -14.83
CA LEU B 110 25.20 -14.35 -14.59
C LEU B 110 24.09 -15.06 -15.36
N ARG B 111 24.37 -16.27 -15.82
CA ARG B 111 23.35 -17.04 -16.54
C ARG B 111 22.58 -17.86 -15.50
N HIS B 112 21.26 -17.71 -15.51
CA HIS B 112 20.37 -18.41 -14.59
C HIS B 112 20.19 -19.86 -14.98
N LEU B 113 20.45 -20.77 -14.04
CA LEU B 113 20.31 -22.20 -14.30
C LEU B 113 19.27 -22.84 -13.40
N GLY B 114 18.41 -22.01 -12.80
CA GLY B 114 17.38 -22.54 -11.92
C GLY B 114 17.65 -22.29 -10.45
N GLU B 115 18.43 -23.17 -9.84
CA GLU B 115 18.75 -23.03 -8.42
C GLU B 115 20.14 -22.39 -8.24
N ARG B 116 20.84 -22.19 -9.35
CA ARG B 116 22.16 -21.59 -9.33
C ARG B 116 22.38 -20.66 -10.51
N GLY B 117 23.44 -19.86 -10.40
CA GLY B 117 23.78 -18.94 -11.47
C GLY B 117 25.28 -19.04 -11.68
N VAL B 118 25.73 -18.77 -12.92
CA VAL B 118 27.14 -18.80 -13.23
C VAL B 118 27.51 -17.60 -14.07
N LEU B 119 28.68 -17.03 -13.78
CA LEU B 119 29.16 -15.86 -14.49
C LEU B 119 29.02 -16.04 -16.00
N ASP B 120 28.39 -15.06 -16.64
CA ASP B 120 28.21 -15.10 -18.09
C ASP B 120 29.26 -14.17 -18.71
N ARG B 121 29.20 -12.90 -18.35
CA ARG B 121 30.17 -11.94 -18.87
C ARG B 121 30.07 -10.58 -18.18
N VAL B 122 31.09 -9.75 -18.38
CA VAL B 122 31.10 -8.42 -17.81
C VAL B 122 30.27 -7.55 -18.74
N VAL B 123 29.37 -6.75 -18.17
CA VAL B 123 28.48 -5.88 -18.92
C VAL B 123 29.09 -4.49 -19.10
N LEU B 124 29.73 -4.00 -18.05
CA LEU B 124 30.41 -2.70 -18.06
C LEU B 124 31.56 -2.82 -17.07
N ASP B 125 32.77 -2.56 -17.57
CA ASP B 125 33.97 -2.67 -16.74
C ASP B 125 34.66 -1.31 -16.60
N GLY B 126 35.50 -1.18 -15.57
CA GLY B 126 36.25 0.06 -15.40
C GLY B 126 35.66 1.18 -14.56
N ILE B 127 34.61 0.89 -13.79
CA ILE B 127 34.04 1.93 -12.94
C ILE B 127 35.07 2.13 -11.84
N PRO B 128 35.34 3.39 -11.47
CA PRO B 128 36.33 3.67 -10.42
C PRO B 128 36.18 2.91 -9.11
N ALA B 129 37.32 2.55 -8.53
CA ALA B 129 37.42 1.87 -7.25
C ALA B 129 38.82 2.19 -6.74
N ARG B 130 38.99 2.26 -5.42
CA ARG B 130 40.30 2.55 -4.84
C ARG B 130 40.55 1.56 -3.71
N PRO B 131 41.84 1.37 -3.34
CA PRO B 131 42.19 0.43 -2.27
C PRO B 131 41.40 0.57 -0.98
N HIS B 132 41.02 1.80 -0.64
CA HIS B 132 40.26 2.02 0.58
C HIS B 132 38.83 1.47 0.49
N GLY B 133 38.38 1.21 -0.74
CA GLY B 133 37.05 0.67 -0.97
C GLY B 133 35.88 1.56 -0.61
N LEU B 134 36.14 2.85 -0.42
CA LEU B 134 35.07 3.78 -0.08
C LEU B 134 34.46 4.43 -1.32
N HIS B 135 33.21 4.86 -1.19
CA HIS B 135 32.48 5.52 -2.27
C HIS B 135 32.47 4.76 -3.58
N SER B 136 31.94 3.55 -3.56
CA SER B 136 31.85 2.72 -4.75
C SER B 136 30.44 2.70 -5.36
N GLY B 137 29.51 3.43 -4.76
CA GLY B 137 28.15 3.44 -5.28
C GLY B 137 27.62 2.02 -5.27
N GLY B 138 27.10 1.54 -6.41
CA GLY B 138 26.67 0.15 -6.46
C GLY B 138 25.23 -0.26 -6.68
N ARG B 139 24.28 0.68 -6.64
CA ARG B 139 22.88 0.34 -6.82
C ARG B 139 22.56 0.21 -8.31
N ILE B 140 21.90 -0.89 -8.69
CA ILE B 140 21.52 -1.07 -10.08
C ILE B 140 20.08 -1.51 -10.15
N ALA B 141 19.40 -1.13 -11.23
CA ALA B 141 18.00 -1.48 -11.40
C ALA B 141 17.54 -1.14 -12.79
N PHE B 142 16.58 -1.90 -13.29
CA PHE B 142 16.03 -1.66 -14.61
C PHE B 142 14.81 -0.75 -14.44
N GLY B 143 14.78 0.34 -15.18
CA GLY B 143 13.68 1.26 -15.07
C GLY B 143 12.48 0.95 -15.94
N PRO B 144 11.44 1.81 -15.90
CA PRO B 144 10.21 1.64 -16.68
C PRO B 144 10.49 1.59 -18.18
N ASP B 145 11.63 2.16 -18.58
CA ASP B 145 12.00 2.18 -19.99
C ASP B 145 12.78 0.92 -20.39
N GLY B 146 12.93 0.00 -19.44
CA GLY B 146 13.64 -1.24 -19.73
C GLY B 146 15.16 -1.11 -19.78
N MET B 147 15.67 0.06 -19.39
CA MET B 147 17.11 0.29 -19.42
C MET B 147 17.75 0.04 -18.05
N LEU B 148 19.04 -0.27 -18.07
CA LEU B 148 19.78 -0.53 -16.83
C LEU B 148 20.41 0.73 -16.25
N TYR B 149 19.99 1.10 -15.04
CA TYR B 149 20.52 2.26 -14.37
C TYR B 149 21.54 1.81 -13.34
N VAL B 150 22.66 2.52 -13.27
CA VAL B 150 23.76 2.17 -12.36
C VAL B 150 24.28 3.39 -11.60
N THR B 151 24.36 3.30 -10.26
CA THR B 151 24.89 4.42 -9.50
C THR B 151 26.35 4.12 -9.19
N THR B 152 27.19 5.16 -9.19
CA THR B 152 28.62 4.98 -8.91
C THR B 152 29.10 6.10 -7.98
N GLY B 153 30.12 5.79 -7.18
CA GLY B 153 30.67 6.78 -6.28
C GLY B 153 31.92 7.39 -6.88
N GLU B 154 32.41 8.49 -6.31
CA GLU B 154 33.61 9.11 -6.85
C GLU B 154 34.87 8.69 -6.09
N VAL B 155 34.80 7.53 -5.46
CA VAL B 155 35.90 6.92 -4.71
C VAL B 155 36.78 7.88 -3.90
N TYR B 156 36.14 8.87 -3.29
CA TYR B 156 36.82 9.86 -2.45
C TYR B 156 37.76 10.79 -3.23
N GLU B 157 37.52 10.90 -4.53
CA GLU B 157 38.27 11.80 -5.41
C GLU B 157 37.15 12.63 -6.00
N ARG B 158 36.63 13.52 -5.17
CA ARG B 158 35.48 14.37 -5.49
C ARG B 158 35.39 14.97 -6.89
N GLU B 159 36.51 15.34 -7.50
CA GLU B 159 36.48 15.94 -8.83
C GLU B 159 35.96 15.00 -9.93
N LEU B 160 35.98 13.70 -9.68
CA LEU B 160 35.50 12.76 -10.68
C LEU B 160 34.03 13.00 -11.01
N ALA B 161 33.25 13.37 -10.00
CA ALA B 161 31.81 13.59 -10.18
C ALA B 161 31.45 14.60 -11.26
N GLN B 162 32.30 15.62 -11.42
CA GLN B 162 32.06 16.67 -12.41
C GLN B 162 32.72 16.38 -13.75
N ASP B 163 33.53 15.33 -13.80
CA ASP B 163 34.25 14.94 -15.00
C ASP B 163 33.42 14.02 -15.89
N LEU B 164 32.92 14.53 -17.01
CA LEU B 164 32.13 13.71 -17.92
C LEU B 164 32.91 12.53 -18.48
N ALA B 165 34.24 12.60 -18.39
CA ALA B 165 35.09 11.53 -18.90
C ALA B 165 35.26 10.39 -17.89
N SER B 166 34.79 10.61 -16.67
CA SER B 166 34.88 9.59 -15.62
C SER B 166 33.54 8.92 -15.35
N LEU B 167 33.55 7.61 -15.11
CA LEU B 167 32.33 6.88 -14.82
C LEU B 167 31.96 7.01 -13.34
N GLY B 168 32.80 7.71 -12.57
CA GLY B 168 32.54 7.87 -11.14
C GLY B 168 31.72 9.09 -10.72
N GLY B 169 30.93 8.93 -9.68
CA GLY B 169 30.09 10.02 -9.18
C GLY B 169 28.99 10.29 -10.19
N LYS B 170 28.47 9.22 -10.77
CA LYS B 170 27.44 9.30 -11.80
C LYS B 170 26.29 8.33 -11.61
N ILE B 171 25.30 8.48 -12.47
CA ILE B 171 24.20 7.55 -12.57
C ILE B 171 24.31 7.25 -14.06
N LEU B 172 24.52 5.97 -14.39
CA LEU B 172 24.66 5.56 -15.77
C LEU B 172 23.40 4.89 -16.26
N ARG B 173 23.19 4.90 -17.57
CA ARG B 173 22.03 4.24 -18.16
C ARG B 173 22.48 3.46 -19.39
N LEU B 174 22.24 2.15 -19.36
CA LEU B 174 22.66 1.27 -20.43
C LEU B 174 21.52 0.40 -20.94
N THR B 175 21.74 -0.26 -22.06
CA THR B 175 20.73 -1.18 -22.58
C THR B 175 21.08 -2.44 -21.79
N PRO B 176 20.19 -3.44 -21.77
CA PRO B 176 20.50 -4.65 -21.01
C PRO B 176 21.77 -5.34 -21.50
N GLU B 177 22.20 -5.02 -22.71
CA GLU B 177 23.40 -5.61 -23.28
C GLU B 177 24.68 -4.85 -22.91
N GLY B 178 24.52 -3.73 -22.20
CA GLY B 178 25.69 -2.98 -21.77
C GLY B 178 26.06 -1.76 -22.60
N GLU B 179 25.38 -1.55 -23.72
CA GLU B 179 25.67 -0.40 -24.57
C GLU B 179 25.04 0.87 -24.02
N PRO B 180 25.63 2.03 -24.32
CA PRO B 180 25.07 3.29 -23.84
C PRO B 180 23.63 3.33 -24.34
N ALA B 181 22.70 3.70 -23.45
CA ALA B 181 21.29 3.74 -23.82
C ALA B 181 20.98 4.80 -24.88
N PRO B 182 20.20 4.44 -25.91
CA PRO B 182 19.91 5.45 -26.92
C PRO B 182 19.17 6.62 -26.30
N GLY B 183 19.49 7.82 -26.75
CA GLY B 183 18.84 8.99 -26.19
C GLY B 183 19.58 9.54 -24.97
N ASN B 184 20.69 8.91 -24.58
CA ASN B 184 21.44 9.41 -23.43
C ASN B 184 21.87 10.85 -23.72
N PRO B 185 21.92 11.70 -22.69
CA PRO B 185 22.28 13.12 -22.76
C PRO B 185 23.62 13.55 -23.36
N PHE B 186 24.65 12.70 -23.25
CA PHE B 186 25.97 13.09 -23.75
C PHE B 186 26.49 12.20 -24.87
N LEU B 187 25.58 11.55 -25.58
CA LEU B 187 25.92 10.66 -26.67
C LEU B 187 26.81 11.25 -27.76
N GLY B 188 26.62 12.53 -28.09
CA GLY B 188 27.42 13.13 -29.14
C GLY B 188 28.67 13.89 -28.73
N ARG B 189 28.76 14.30 -27.47
CA ARG B 189 29.90 15.08 -27.00
C ARG B 189 31.23 14.34 -26.91
N ARG B 190 32.29 14.99 -27.39
CA ARG B 190 33.63 14.41 -27.35
C ARG B 190 34.17 14.50 -25.92
N GLY B 191 34.95 13.51 -25.52
CA GLY B 191 35.51 13.51 -24.17
C GLY B 191 34.55 13.09 -23.07
N ALA B 192 33.30 12.81 -23.44
CA ALA B 192 32.31 12.40 -22.45
C ALA B 192 31.95 10.92 -22.59
N ARG B 193 31.79 10.23 -21.46
CA ARG B 193 31.40 8.83 -21.47
C ARG B 193 29.93 8.78 -21.89
N PRO B 194 29.63 8.09 -23.00
CA PRO B 194 28.24 8.01 -23.47
C PRO B 194 27.28 7.29 -22.52
N GLU B 195 27.83 6.57 -21.54
CA GLU B 195 26.99 5.85 -20.58
C GLU B 195 26.37 6.77 -19.53
N VAL B 196 26.93 7.97 -19.36
CA VAL B 196 26.44 8.91 -18.34
C VAL B 196 25.03 9.44 -18.53
N TYR B 197 24.22 9.30 -17.48
CA TYR B 197 22.85 9.77 -17.49
C TYR B 197 22.79 11.07 -16.68
N SER B 198 23.40 11.05 -15.50
CA SER B 198 23.46 12.25 -14.64
C SER B 198 24.82 12.29 -13.94
N LEU B 199 25.26 13.48 -13.54
CA LEU B 199 26.55 13.61 -12.88
C LEU B 199 26.47 14.47 -11.63
N GLY B 200 27.61 14.70 -10.98
CA GLY B 200 27.63 15.51 -9.78
C GLY B 200 27.11 14.79 -8.55
N HIS B 201 27.33 13.48 -8.48
CA HIS B 201 26.89 12.69 -7.33
C HIS B 201 28.02 12.11 -6.51
N ARG B 202 27.97 12.32 -5.19
CA ARG B 202 28.99 11.81 -4.28
C ARG B 202 29.11 10.30 -4.12
N ASN B 203 28.08 9.69 -3.54
CA ASN B 203 28.06 8.25 -3.36
C ASN B 203 26.55 8.12 -3.34
N PRO B 204 25.96 7.66 -4.46
CA PRO B 204 24.52 7.49 -4.59
C PRO B 204 24.35 5.98 -4.51
N GLN B 205 23.35 5.53 -3.75
CA GLN B 205 23.10 4.10 -3.61
C GLN B 205 21.64 3.73 -3.87
N GLY B 206 20.80 4.74 -4.03
CA GLY B 206 19.39 4.49 -4.28
C GLY B 206 18.80 4.85 -5.63
N LEU B 207 17.84 4.03 -6.07
CA LEU B 207 17.16 4.24 -7.36
C LEU B 207 15.71 3.83 -7.20
N ALA B 208 14.80 4.75 -7.51
CA ALA B 208 13.38 4.45 -7.41
C ALA B 208 12.59 5.30 -8.41
N TRP B 209 11.58 4.69 -9.04
CA TRP B 209 10.76 5.41 -10.01
C TRP B 209 9.35 5.66 -9.49
N HIS B 210 8.88 6.89 -9.65
CA HIS B 210 7.53 7.25 -9.20
C HIS B 210 6.55 6.47 -10.07
N PRO B 211 5.66 5.68 -9.45
CA PRO B 211 4.68 4.88 -10.18
C PRO B 211 3.75 5.61 -11.14
N LYS B 212 3.44 6.86 -10.84
CA LYS B 212 2.53 7.64 -11.67
C LYS B 212 3.23 8.39 -12.81
N THR B 213 4.32 9.08 -12.48
CA THR B 213 5.03 9.88 -13.45
C THR B 213 6.19 9.21 -14.18
N GLY B 214 6.77 8.18 -13.58
CA GLY B 214 7.89 7.50 -14.20
C GLY B 214 9.20 8.23 -13.93
N GLU B 215 9.12 9.28 -13.13
CA GLU B 215 10.30 10.06 -12.78
C GLU B 215 11.25 9.26 -11.89
N LEU B 216 12.55 9.45 -12.10
CA LEU B 216 13.57 8.75 -11.31
C LEU B 216 14.01 9.55 -10.10
N PHE B 217 14.04 8.88 -8.94
CA PHE B 217 14.46 9.50 -7.70
C PHE B 217 15.66 8.72 -7.21
N SER B 218 16.61 9.41 -6.59
CA SER B 218 17.82 8.77 -6.09
C SER B 218 18.18 9.30 -4.71
N SER B 219 18.89 8.48 -3.94
CA SER B 219 19.33 8.88 -2.61
C SER B 219 20.84 8.82 -2.62
N GLU B 220 21.49 9.66 -1.81
CA GLU B 220 22.94 9.62 -1.75
C GLU B 220 23.48 10.20 -0.45
N HIS B 221 24.65 9.70 -0.06
CA HIS B 221 25.31 10.13 1.16
C HIS B 221 25.92 11.51 0.98
N GLY B 222 25.71 12.38 1.97
CA GLY B 222 26.27 13.72 1.92
C GLY B 222 27.69 13.68 2.46
N PRO B 223 28.36 14.82 2.64
CA PRO B 223 29.74 14.91 3.16
C PRO B 223 29.92 14.47 4.64
N SER B 224 31.08 13.91 5.01
CA SER B 224 31.30 13.38 6.36
C SER B 224 32.67 13.85 6.78
N GLY B 225 32.77 14.92 7.52
CA GLY B 225 34.10 15.43 7.74
C GLY B 225 34.72 15.31 6.36
N GLU B 226 33.92 15.52 5.31
CA GLU B 226 34.49 15.40 3.99
C GLU B 226 33.64 16.52 3.51
N GLN B 227 34.31 17.66 3.63
CA GLN B 227 33.86 18.97 3.26
C GLN B 227 32.62 19.54 3.93
N GLY B 228 32.18 18.88 5.02
CA GLY B 228 30.99 19.34 5.71
C GLY B 228 30.32 18.09 6.23
N TYR B 229 29.46 18.16 7.25
CA TYR B 229 28.82 16.94 7.72
C TYR B 229 27.37 16.87 7.14
N GLY B 230 26.62 15.82 7.50
CA GLY B 230 25.25 15.70 7.03
C GLY B 230 24.95 16.09 5.59
N HIS B 231 23.75 16.62 5.39
CA HIS B 231 23.25 17.04 4.09
C HIS B 231 23.10 15.90 3.11
N ASP B 232 22.70 14.74 3.63
CA ASP B 232 22.46 13.58 2.79
C ASP B 232 21.21 14.01 2.04
N GLU B 233 20.94 13.41 0.89
CA GLU B 233 19.80 13.87 0.11
C GLU B 233 19.05 12.87 -0.73
N VAL B 234 17.92 13.36 -1.26
CA VAL B 234 17.08 12.60 -2.17
C VAL B 234 16.97 13.55 -3.35
N ASN B 235 17.30 13.06 -4.53
CA ASN B 235 17.27 13.87 -5.75
C ASN B 235 16.27 13.36 -6.77
N LEU B 236 15.74 14.30 -7.55
CA LEU B 236 14.82 13.97 -8.64
C LEU B 236 15.76 14.03 -9.83
N ILE B 237 16.08 12.87 -10.39
CA ILE B 237 17.02 12.77 -11.50
C ILE B 237 16.44 13.03 -12.88
N VAL B 238 17.04 13.97 -13.61
CA VAL B 238 16.60 14.30 -14.96
C VAL B 238 17.80 14.02 -15.87
N PRO B 239 17.54 13.61 -17.12
CA PRO B 239 18.63 13.32 -18.06
C PRO B 239 19.58 14.51 -18.21
N GLY B 240 20.87 14.25 -18.08
CA GLY B 240 21.88 15.29 -18.21
C GLY B 240 22.02 16.17 -16.99
N GLY B 241 21.21 15.92 -15.96
CA GLY B 241 21.28 16.74 -14.77
C GLY B 241 22.59 16.65 -14.01
N ASN B 242 23.03 17.78 -13.45
CA ASN B 242 24.27 17.84 -12.68
C ASN B 242 23.81 18.13 -11.26
N TYR B 243 24.10 17.22 -10.34
CA TYR B 243 23.64 17.42 -8.98
C TYR B 243 24.58 18.08 -7.99
N GLY B 244 25.49 18.90 -8.50
CA GLY B 244 26.36 19.69 -7.64
C GLY B 244 27.61 19.21 -6.94
N TRP B 245 27.70 17.94 -6.55
CA TRP B 245 28.90 17.48 -5.85
C TRP B 245 30.13 17.58 -6.76
N PRO B 246 31.25 18.13 -6.24
CA PRO B 246 31.48 18.69 -4.90
C PRO B 246 31.36 20.21 -4.87
N ARG B 247 30.90 20.80 -5.96
CA ARG B 247 30.74 22.25 -6.06
C ARG B 247 29.68 22.76 -5.09
N VAL B 248 28.61 21.97 -4.94
CA VAL B 248 27.50 22.35 -4.06
C VAL B 248 27.16 21.26 -3.06
N VAL B 249 26.80 21.69 -1.85
CA VAL B 249 26.39 20.79 -0.78
C VAL B 249 25.05 21.33 -0.29
N GLY B 250 24.02 20.50 -0.37
CA GLY B 250 22.69 20.92 0.03
C GLY B 250 22.03 21.70 -1.10
N ARG B 251 21.37 22.80 -0.77
CA ARG B 251 20.73 23.63 -1.78
C ARG B 251 21.55 24.87 -2.09
N GLY B 252 21.38 25.40 -3.30
CA GLY B 252 22.11 26.59 -3.70
C GLY B 252 21.31 27.47 -4.65
N ASN B 253 21.88 28.61 -5.01
CA ASN B 253 21.21 29.54 -5.92
C ASN B 253 21.73 29.38 -7.34
N ASP B 254 22.64 28.43 -7.53
CA ASP B 254 23.24 28.18 -8.86
C ASP B 254 22.36 27.26 -9.71
N PRO B 255 21.76 27.79 -10.78
CA PRO B 255 20.90 26.99 -11.66
C PRO B 255 21.62 25.86 -12.39
N ARG B 256 22.94 25.96 -12.51
CA ARG B 256 23.72 24.94 -13.20
C ARG B 256 23.66 23.61 -12.44
N TYR B 257 23.48 23.68 -11.12
CA TYR B 257 23.42 22.49 -10.30
C TYR B 257 22.03 22.36 -9.70
N ARG B 258 21.43 21.18 -9.87
CA ARG B 258 20.08 20.94 -9.37
C ARG B 258 20.04 20.62 -7.88
N ASP B 259 19.16 21.31 -7.16
CA ASP B 259 19.02 21.10 -5.72
C ASP B 259 18.31 19.78 -5.44
N PRO B 260 18.53 19.22 -4.25
CA PRO B 260 17.86 17.96 -3.92
C PRO B 260 16.39 18.20 -3.60
N LEU B 261 15.59 17.16 -3.76
CA LEU B 261 14.16 17.22 -3.46
C LEU B 261 14.05 17.41 -1.95
N TYR B 262 14.98 16.81 -1.22
CA TYR B 262 15.01 16.91 0.23
C TYR B 262 16.41 16.56 0.70
N PHE B 263 16.83 17.16 1.81
CA PHE B 263 18.13 16.86 2.38
C PHE B 263 18.07 17.04 3.90
N TRP B 264 18.89 16.29 4.61
CA TRP B 264 18.96 16.39 6.06
C TRP B 264 20.21 17.12 6.51
N PRO B 265 20.05 18.40 6.85
CA PRO B 265 21.17 19.21 7.34
C PRO B 265 21.87 18.56 8.51
N GLN B 266 21.10 18.00 9.45
CA GLN B 266 21.58 16.92 10.30
C GLN B 266 21.47 15.58 9.59
N GLY B 267 22.60 14.89 9.47
CA GLY B 267 22.79 13.91 8.41
C GLY B 267 21.91 12.69 8.59
N PHE B 268 21.42 12.15 7.48
CA PHE B 268 20.70 10.88 7.50
C PHE B 268 21.17 9.96 6.37
N PRO B 269 22.34 9.37 6.55
CA PRO B 269 22.97 8.56 5.50
C PRO B 269 22.03 7.47 5.00
N PRO B 270 21.62 7.60 3.73
CA PRO B 270 20.61 6.69 3.17
C PRO B 270 21.08 5.44 2.44
N GLY B 271 20.22 4.44 2.48
CA GLY B 271 20.47 3.21 1.76
C GLY B 271 19.63 3.43 0.52
N ASN B 272 18.86 2.43 0.11
CA ASN B 272 18.03 2.58 -1.07
C ASN B 272 16.73 3.29 -0.68
N LEU B 273 15.89 3.56 -1.67
CA LEU B 273 14.59 4.18 -1.40
C LEU B 273 13.57 3.53 -2.32
N ALA B 274 12.30 3.63 -1.97
CA ALA B 274 11.26 3.02 -2.79
C ALA B 274 9.90 3.67 -2.59
N PHE B 275 9.08 3.66 -3.63
CA PHE B 275 7.74 4.21 -3.56
C PHE B 275 6.84 3.09 -3.05
N PHE B 276 6.08 3.40 -2.02
CA PHE B 276 5.19 2.43 -1.37
C PHE B 276 3.98 3.17 -0.82
N ARG B 277 2.80 2.79 -1.30
CA ARG B 277 1.55 3.41 -0.86
C ARG B 277 1.48 4.92 -1.03
N GLY B 278 1.93 5.41 -2.17
CA GLY B 278 1.89 6.83 -2.46
C GLY B 278 2.95 7.68 -1.79
N ASP B 279 3.79 7.07 -0.97
CA ASP B 279 4.84 7.81 -0.28
C ASP B 279 6.21 7.29 -0.68
N LEU B 280 7.23 8.10 -0.41
CA LEU B 280 8.61 7.72 -0.74
C LEU B 280 9.30 7.29 0.54
N TYR B 281 9.71 6.03 0.62
CA TYR B 281 10.38 5.49 1.79
C TYR B 281 11.89 5.48 1.59
N VAL B 282 12.63 5.88 2.62
CA VAL B 282 14.08 5.94 2.54
C VAL B 282 14.73 5.20 3.70
N ALA B 283 15.49 4.15 3.39
CA ALA B 283 16.17 3.37 4.41
C ALA B 283 17.32 4.20 4.99
N GLY B 284 17.44 4.18 6.31
CA GLY B 284 18.49 4.93 6.95
C GLY B 284 19.54 4.02 7.55
N LEU B 285 20.80 4.28 7.21
CA LEU B 285 21.88 3.50 7.75
C LEU B 285 22.40 3.90 9.13
N ARG B 286 22.88 5.12 9.27
CA ARG B 286 23.40 5.58 10.55
C ARG B 286 22.19 5.99 11.40
N GLY B 287 21.14 6.48 10.75
CA GLY B 287 19.94 6.90 11.48
C GLY B 287 19.13 5.72 12.01
N GLN B 288 19.49 4.53 11.55
CA GLN B 288 18.81 3.29 11.97
C GLN B 288 17.29 3.39 11.94
N ALA B 289 16.74 3.83 10.81
CA ALA B 289 15.30 3.96 10.69
C ALA B 289 14.86 4.01 9.24
N LEU B 290 13.57 3.74 9.03
CA LEU B 290 12.97 3.78 7.71
C LEU B 290 12.08 5.01 7.74
N LEU B 291 12.40 6.01 6.93
CA LEU B 291 11.60 7.23 6.91
C LEU B 291 10.61 7.24 5.76
N ARG B 292 9.48 7.90 6.00
CA ARG B 292 8.41 8.04 5.02
C ARG B 292 8.35 9.51 4.63
N LEU B 293 8.53 9.80 3.34
CA LEU B 293 8.47 11.17 2.86
C LEU B 293 7.13 11.38 2.18
N VAL B 294 6.33 12.31 2.71
CA VAL B 294 5.03 12.61 2.15
C VAL B 294 5.21 13.70 1.11
N LEU B 295 4.88 13.38 -0.14
CA LEU B 295 5.05 14.31 -1.24
C LEU B 295 3.77 15.03 -1.69
N GLU B 296 3.97 16.22 -2.21
CA GLU B 296 2.88 17.04 -2.73
C GLU B 296 3.38 17.67 -4.01
N GLY B 297 2.58 17.62 -5.06
CA GLY B 297 2.98 18.21 -6.32
C GLY B 297 2.59 17.42 -7.54
N GLU B 298 3.37 17.60 -8.60
CA GLU B 298 3.14 16.93 -9.87
C GLU B 298 4.47 16.73 -10.57
N ARG B 299 4.44 16.09 -11.73
CA ARG B 299 5.66 15.84 -12.50
C ARG B 299 6.50 17.11 -12.65
N GLY B 300 7.76 17.04 -12.25
CA GLY B 300 8.63 18.19 -12.36
C GLY B 300 8.46 19.25 -11.28
N ARG B 301 7.51 19.03 -10.38
CA ARG B 301 7.26 19.98 -9.30
C ARG B 301 6.92 19.45 -7.91
N TRP B 302 7.82 18.66 -7.33
CA TRP B 302 7.55 17.95 -6.10
C TRP B 302 8.21 18.61 -4.90
N ARG B 303 7.64 18.37 -3.71
CA ARG B 303 8.19 18.90 -2.48
C ARG B 303 7.71 18.00 -1.35
N VAL B 304 8.50 17.91 -0.29
CA VAL B 304 8.14 17.07 0.83
C VAL B 304 7.29 17.83 1.85
N LEU B 305 6.07 17.35 2.07
CA LEU B 305 5.16 17.97 3.02
C LEU B 305 5.65 17.68 4.44
N ARG B 306 5.90 16.40 4.71
CA ARG B 306 6.37 15.99 6.02
C ARG B 306 7.14 14.68 5.96
N VAL B 307 7.96 14.45 6.98
CA VAL B 307 8.76 13.24 7.08
C VAL B 307 8.34 12.51 8.35
N GLU B 308 8.07 11.21 8.23
CA GLU B 308 7.66 10.41 9.39
C GLU B 308 8.50 9.14 9.49
N THR B 309 8.63 8.62 10.70
CA THR B 309 9.39 7.39 10.91
C THR B 309 8.42 6.23 10.72
N ALA B 310 8.75 5.35 9.78
CA ALA B 310 7.90 4.19 9.49
C ALA B 310 8.41 2.92 10.18
N LEU B 311 9.69 2.90 10.52
CA LEU B 311 10.26 1.73 11.19
C LEU B 311 11.50 2.14 11.98
N SER B 312 11.65 1.55 13.17
CA SER B 312 12.79 1.84 14.03
C SER B 312 12.96 0.72 15.05
N GLY B 313 14.17 0.58 15.58
CA GLY B 313 14.43 -0.45 16.56
C GLY B 313 15.04 -1.71 15.98
N PHE B 314 15.48 -1.64 14.72
CA PHE B 314 16.06 -2.80 14.05
C PHE B 314 17.50 -2.58 13.60
N GLY B 315 18.07 -1.42 13.94
CA GLY B 315 19.43 -1.12 13.56
C GLY B 315 19.51 -0.45 12.20
N ARG B 316 20.69 -0.52 11.59
CA ARG B 316 20.95 0.10 10.29
C ARG B 316 20.13 -0.57 9.19
N LEU B 317 19.50 0.24 8.34
CA LEU B 317 18.69 -0.29 7.24
C LEU B 317 19.16 0.10 5.84
N ARG B 318 19.50 -0.88 5.01
CA ARG B 318 20.00 -0.58 3.67
C ARG B 318 19.22 -0.77 2.36
N GLU B 319 18.62 -1.95 2.18
CA GLU B 319 17.85 -2.23 0.98
C GLU B 319 16.39 -2.01 1.34
N VAL B 320 15.60 -1.62 0.35
CA VAL B 320 14.16 -1.42 0.51
C VAL B 320 13.52 -1.53 -0.86
N GLN B 321 12.62 -2.49 -1.01
CA GLN B 321 11.94 -2.72 -2.27
C GLN B 321 10.54 -3.26 -2.05
N VAL B 322 9.64 -2.94 -2.98
CA VAL B 322 8.28 -3.42 -2.90
C VAL B 322 8.29 -4.79 -3.57
N GLY B 323 7.77 -5.80 -2.86
CA GLY B 323 7.76 -7.14 -3.42
C GLY B 323 6.55 -7.38 -4.33
N PRO B 324 6.52 -8.49 -5.06
CA PRO B 324 5.41 -8.81 -5.97
C PRO B 324 4.09 -8.89 -5.21
N ASP B 325 4.18 -9.21 -3.93
CA ASP B 325 3.02 -9.33 -3.06
C ASP B 325 2.47 -7.98 -2.61
N GLY B 326 3.16 -6.90 -2.98
CA GLY B 326 2.71 -5.58 -2.59
C GLY B 326 3.23 -5.18 -1.22
N ALA B 327 4.01 -6.07 -0.61
CA ALA B 327 4.60 -5.81 0.71
C ALA B 327 5.92 -5.07 0.53
N LEU B 328 6.36 -4.37 1.57
CA LEU B 328 7.61 -3.64 1.51
C LEU B 328 8.71 -4.46 2.20
N TYR B 329 9.78 -4.74 1.47
CA TYR B 329 10.91 -5.50 2.01
C TYR B 329 12.07 -4.58 2.36
N VAL B 330 12.69 -4.84 3.51
CA VAL B 330 13.82 -4.04 3.96
C VAL B 330 14.89 -4.96 4.51
N THR B 331 16.16 -4.57 4.38
CA THR B 331 17.25 -5.37 4.91
C THR B 331 18.03 -4.56 5.93
N THR B 332 18.67 -5.24 6.88
CA THR B 332 19.46 -4.57 7.90
C THR B 332 20.93 -4.62 7.50
N SER B 333 21.71 -3.68 8.02
CA SER B 333 23.12 -3.59 7.68
C SER B 333 24.08 -3.61 8.86
N ASN B 334 23.56 -4.00 10.01
CA ASN B 334 24.33 -4.05 11.25
C ASN B 334 25.71 -4.69 11.25
N ARG B 335 25.96 -5.53 10.25
CA ARG B 335 27.25 -6.21 10.17
C ARG B 335 28.19 -5.62 9.12
N ASP B 336 27.92 -4.40 8.66
CA ASP B 336 28.76 -3.79 7.65
C ASP B 336 30.00 -3.08 8.20
N GLY B 337 30.25 -3.25 9.49
CA GLY B 337 31.41 -2.62 10.11
C GLY B 337 31.15 -1.27 10.76
N ARG B 338 29.94 -0.76 10.60
CA ARG B 338 29.59 0.54 11.17
C ARG B 338 28.40 0.44 12.13
N GLY B 339 28.11 -0.77 12.60
CA GLY B 339 27.00 -0.93 13.51
C GLY B 339 27.26 -1.86 14.68
N GLN B 340 26.19 -2.21 15.38
CA GLN B 340 26.29 -3.12 16.51
C GLN B 340 25.68 -4.44 16.07
N VAL B 341 26.48 -5.48 16.07
CA VAL B 341 26.01 -6.80 15.65
C VAL B 341 25.35 -7.55 16.79
N ARG B 342 24.14 -8.03 16.54
CA ARG B 342 23.40 -8.79 17.54
C ARG B 342 22.96 -10.11 16.91
N PRO B 343 22.62 -11.11 17.76
CA PRO B 343 22.20 -12.43 17.30
C PRO B 343 21.17 -12.44 16.17
N GLY B 344 21.43 -13.26 15.16
CA GLY B 344 20.54 -13.37 14.01
C GLY B 344 20.59 -12.14 13.12
N ASP B 345 21.48 -11.20 13.44
CA ASP B 345 21.59 -9.98 12.67
C ASP B 345 21.72 -10.01 11.16
N ASP B 346 21.22 -8.91 10.60
CA ASP B 346 21.13 -8.70 9.17
C ASP B 346 20.13 -9.37 8.28
N ARG B 347 18.90 -9.24 8.77
CA ARG B 347 17.75 -9.88 8.24
C ARG B 347 17.08 -9.17 7.08
N VAL B 348 16.19 -9.91 6.45
CA VAL B 348 15.36 -9.40 5.39
C VAL B 348 14.05 -9.28 6.14
N LEU B 349 13.49 -8.07 6.19
CA LEU B 349 12.24 -7.84 6.89
C LEU B 349 11.12 -7.56 5.90
N ARG B 350 9.92 -8.01 6.23
CA ARG B 350 8.76 -7.78 5.38
C ARG B 350 7.76 -6.93 6.17
N LEU B 351 7.39 -5.78 5.61
CA LEU B 351 6.46 -4.89 6.26
C LEU B 351 5.10 -4.93 5.58
N LEU B 352 4.11 -5.43 6.31
CA LEU B 352 2.74 -5.58 5.83
C LEU B 352 2.62 -6.46 4.59
#